data_3OHP
#
_entry.id   3OHP
#
_cell.length_a   50.511
_cell.length_b   145.213
_cell.length_c   51.611
_cell.angle_alpha   90.00
_cell.angle_beta   94.76
_cell.angle_gamma   90.00
#
_symmetry.space_group_name_H-M   'P 1 21 1'
#
loop_
_entity.id
_entity.type
_entity.pdbx_description
1 polymer 'Hypoxanthine phosphoribosyltransferase'
2 water water
#
_entity_poly.entity_id   1
_entity_poly.type   'polypeptide(L)'
_entity_poly.pdbx_seq_one_letter_code
;MKHTVEVMISEQEVAQRIRELGQQITEHYQGSSDLVLVGLLRGSFVFMADLARQIHLTHQVDFMTASSYGNSMQSSRDVR
ILKDLDDDIKGKDVLLVEDIIDTGNTLNKVKEILALREPKSIRICTLLDKPTRREVDVEVNWVGFEIPDEFVVGVGIDYA
QKYRHLPYIGKVVPLAE
;
_entity_poly.pdbx_strand_id   A,B,C,D
#
# COMPACT_ATOMS: atom_id res chain seq x y z
N LYS A 2 -3.37 -23.73 28.17
CA LYS A 2 -2.35 -24.81 28.31
C LYS A 2 -0.88 -24.33 28.08
N HIS A 3 -0.70 -23.06 27.70
CA HIS A 3 0.62 -22.42 27.73
C HIS A 3 0.61 -21.17 28.65
N THR A 4 1.78 -20.72 29.08
CA THR A 4 1.82 -19.49 29.86
C THR A 4 3.06 -18.66 29.51
N VAL A 5 3.08 -17.43 30.02
CA VAL A 5 4.17 -16.49 29.79
C VAL A 5 4.92 -16.20 31.10
N GLU A 6 6.22 -16.39 31.04
CA GLU A 6 7.17 -16.23 32.13
C GLU A 6 7.93 -14.93 31.80
N VAL A 7 8.34 -14.16 32.80
CA VAL A 7 9.14 -12.95 32.53
C VAL A 7 10.58 -13.40 32.24
N MET A 8 11.10 -13.05 31.08
CA MET A 8 12.51 -13.29 30.79
C MET A 8 13.35 -12.02 31.02
N ILE A 9 12.87 -10.87 30.55
CA ILE A 9 13.57 -9.60 30.82
C ILE A 9 12.55 -8.59 31.37
N SER A 10 12.79 -8.08 32.57
CA SER A 10 11.79 -7.30 33.25
C SER A 10 11.62 -5.94 32.57
N GLU A 11 10.45 -5.35 32.81
N GLU A 11 10.47 -5.31 32.76
CA GLU A 11 10.05 -3.99 32.43
CA GLU A 11 10.23 -3.99 32.23
C GLU A 11 11.16 -2.97 32.68
C GLU A 11 11.38 -3.05 32.59
N GLN A 12 11.77 -3.05 33.85
CA GLN A 12 12.81 -2.10 34.30
C GLN A 12 14.19 -2.36 33.68
N GLU A 13 14.53 -3.64 33.52
CA GLU A 13 15.74 -4.02 32.81
C GLU A 13 15.66 -3.54 31.35
N VAL A 14 14.51 -3.74 30.71
CA VAL A 14 14.32 -3.23 29.36
C VAL A 14 14.53 -1.70 29.36
N ALA A 15 13.88 -1.01 30.30
CA ALA A 15 13.94 0.46 30.31
C ALA A 15 15.36 0.97 30.49
N GLN A 16 16.11 0.38 31.41
CA GLN A 16 17.49 0.75 31.64
C GLN A 16 18.35 0.56 30.38
N ARG A 17 18.17 -0.58 29.71
CA ARG A 17 18.91 -0.84 28.49
C ARG A 17 18.61 0.19 27.40
N ILE A 18 17.34 0.55 27.23
CA ILE A 18 16.88 1.49 26.20
C ILE A 18 17.40 2.89 26.53
N ARG A 19 17.49 3.18 27.83
CA ARG A 19 18.12 4.43 28.28
C ARG A 19 19.60 4.46 27.83
N GLU A 20 20.29 3.34 27.97
CA GLU A 20 21.70 3.28 27.60
C GLU A 20 21.89 3.38 26.08
N LEU A 21 21.09 2.63 25.32
CA LEU A 21 21.08 2.78 23.86
C LEU A 21 20.81 4.23 23.42
N GLY A 22 19.81 4.87 24.01
CA GLY A 22 19.47 6.23 23.65
C GLY A 22 20.64 7.18 23.86
N GLN A 23 21.36 7.00 24.97
CA GLN A 23 22.56 7.78 25.27
C GLN A 23 23.64 7.55 24.22
N GLN A 24 23.87 6.30 23.84
CA GLN A 24 24.93 6.03 22.87
C GLN A 24 24.52 6.54 21.48
N ILE A 25 23.23 6.48 21.16
CA ILE A 25 22.75 6.92 19.86
C ILE A 25 22.80 8.45 19.82
N THR A 26 22.42 9.08 20.92
CA THR A 26 22.47 10.54 21.01
C THR A 26 23.90 11.00 20.75
N GLU A 27 24.85 10.40 21.45
CA GLU A 27 26.27 10.75 21.27
C GLU A 27 26.69 10.52 19.81
N HIS A 28 26.32 9.37 19.27
CA HIS A 28 26.76 8.98 17.94
C HIS A 28 26.36 9.99 16.86
N TYR A 29 25.10 10.41 16.88
CA TYR A 29 24.61 11.37 15.90
C TYR A 29 24.68 12.83 16.32
N GLN A 30 25.36 13.11 17.42
CA GLN A 30 25.56 14.50 17.83
C GLN A 30 25.96 15.29 16.57
N GLY A 31 25.34 16.43 16.30
CA GLY A 31 25.76 17.24 15.14
C GLY A 31 25.23 16.79 13.77
N SER A 32 24.52 15.67 13.69
CA SER A 32 23.76 15.37 12.48
C SER A 32 22.48 16.26 12.44
N SER A 33 22.26 16.94 11.34
CA SER A 33 21.03 17.74 11.23
C SER A 33 19.86 16.87 10.73
N ASP A 34 20.16 15.65 10.32
CA ASP A 34 19.15 14.88 9.64
C ASP A 34 19.05 13.43 10.08
N LEU A 35 18.76 13.22 11.36
CA LEU A 35 18.51 11.88 11.83
C LEU A 35 17.05 11.47 11.57
N VAL A 36 16.84 10.25 11.05
CA VAL A 36 15.50 9.67 10.94
C VAL A 36 15.49 8.23 11.42
N LEU A 37 14.57 7.92 12.35
CA LEU A 37 14.38 6.56 12.78
C LEU A 37 13.29 5.93 11.93
N VAL A 38 13.59 4.77 11.39
CA VAL A 38 12.64 4.06 10.57
C VAL A 38 12.40 2.72 11.26
N GLY A 39 11.16 2.48 11.71
CA GLY A 39 10.81 1.16 12.27
C GLY A 39 10.25 0.21 11.22
N LEU A 40 10.38 -1.08 11.45
CA LEU A 40 9.70 -2.09 10.65
C LEU A 40 8.43 -2.60 11.36
N LEU A 41 7.28 -2.36 10.75
CA LEU A 41 6.03 -2.65 11.41
C LEU A 41 5.67 -4.15 11.19
N ARG A 42 4.91 -4.77 12.09
CA ARG A 42 4.37 -4.11 13.26
C ARG A 42 5.30 -4.11 14.44
N GLY A 43 6.24 -5.06 14.48
CA GLY A 43 6.97 -5.35 15.72
C GLY A 43 7.76 -4.21 16.36
N SER A 44 8.30 -3.33 15.54
CA SER A 44 9.17 -2.23 16.02
C SER A 44 8.52 -1.14 16.83
N PHE A 45 7.20 -1.03 16.77
CA PHE A 45 6.59 0.22 17.21
C PHE A 45 6.78 0.57 18.68
N VAL A 46 6.74 -0.41 19.56
CA VAL A 46 6.91 -0.14 21.00
C VAL A 46 8.37 0.26 21.32
N PHE A 47 9.32 -0.56 20.88
CA PHE A 47 10.76 -0.28 21.05
C PHE A 47 11.08 1.11 20.47
N MET A 48 10.56 1.40 19.28
CA MET A 48 10.69 2.70 18.62
C MET A 48 10.20 3.84 19.49
N ALA A 49 9.01 3.67 20.05
CA ALA A 49 8.42 4.74 20.88
C ALA A 49 9.31 5.01 22.07
N ASP A 50 9.76 3.94 22.71
CA ASP A 50 10.59 4.12 23.92
C ASP A 50 11.97 4.67 23.57
N LEU A 51 12.54 4.15 22.51
CA LEU A 51 13.89 4.55 22.13
C LEU A 51 13.93 6.01 21.68
N ALA A 52 12.97 6.40 20.84
CA ALA A 52 12.91 7.78 20.32
C ALA A 52 12.89 8.73 21.49
N ARG A 53 12.19 8.35 22.56
CA ARG A 53 12.12 9.24 23.73
C ARG A 53 13.43 9.32 24.54
N GLN A 54 14.34 8.38 24.32
CA GLN A 54 15.63 8.42 25.00
C GLN A 54 16.72 9.05 24.13
N ILE A 55 16.35 9.49 22.93
CA ILE A 55 17.34 10.10 22.05
C ILE A 55 17.21 11.61 22.14
N HIS A 56 18.25 12.23 22.67
CA HIS A 56 18.15 13.66 22.93
C HIS A 56 18.65 14.51 21.78
N LEU A 57 18.03 14.29 20.63
CA LEU A 57 18.31 15.05 19.41
C LEU A 57 17.00 15.21 18.67
N THR A 58 16.85 16.34 18.00
CA THR A 58 15.73 16.56 17.14
C THR A 58 15.84 15.56 16.02
N HIS A 59 14.77 14.83 15.76
CA HIS A 59 14.82 13.85 14.67
C HIS A 59 13.45 13.53 14.11
N GLN A 60 13.43 12.79 12.99
CA GLN A 60 12.17 12.42 12.37
C GLN A 60 11.91 10.92 12.60
N VAL A 61 10.66 10.50 12.42
CA VAL A 61 10.32 9.08 12.54
C VAL A 61 9.55 8.64 11.31
N ASP A 62 9.78 7.42 10.85
CA ASP A 62 9.02 6.88 9.74
C ASP A 62 8.98 5.35 9.91
N PHE A 63 8.17 4.71 9.08
CA PHE A 63 7.97 3.28 9.15
C PHE A 63 7.88 2.67 7.77
N MET A 64 8.28 1.41 7.69
CA MET A 64 8.08 0.62 6.48
C MET A 64 7.36 -0.63 6.95
N THR A 65 6.58 -1.24 6.06
CA THR A 65 6.07 -2.56 6.33
C THR A 65 6.59 -3.46 5.23
N ALA A 66 7.51 -4.35 5.57
CA ALA A 66 8.04 -5.32 4.60
C ALA A 66 7.27 -6.61 4.75
N SER A 67 7.31 -7.46 3.74
CA SER A 67 6.31 -8.50 3.51
C SER A 67 6.40 -9.82 4.25
N SER A 68 7.58 -10.45 4.26
CA SER A 68 7.65 -11.87 4.72
C SER A 68 7.88 -12.88 3.59
N ARG A 77 8.36 -15.81 -0.65
CA ARG A 77 9.81 -15.81 -0.83
C ARG A 77 10.45 -14.41 -0.96
N ASP A 78 10.05 -13.60 -1.95
CA ASP A 78 10.58 -12.22 -2.09
C ASP A 78 10.26 -11.32 -0.90
N VAL A 79 11.15 -10.37 -0.61
CA VAL A 79 10.80 -9.35 0.35
C VAL A 79 10.19 -8.18 -0.43
N ARG A 80 8.89 -7.96 -0.23
CA ARG A 80 8.14 -6.92 -0.90
C ARG A 80 7.76 -5.80 0.07
N ILE A 81 7.48 -4.63 -0.45
CA ILE A 81 7.17 -3.49 0.37
C ILE A 81 5.68 -3.31 0.45
N LEU A 82 5.06 -3.65 1.58
CA LEU A 82 3.62 -3.57 1.67
C LEU A 82 3.20 -2.14 1.93
N LYS A 83 4.08 -1.40 2.61
CA LYS A 83 3.87 0.02 2.86
C LYS A 83 5.23 0.67 3.02
N ASP A 84 5.51 1.62 2.14
CA ASP A 84 6.81 2.26 2.10
C ASP A 84 6.87 3.44 3.08
N LEU A 85 8.06 4.03 3.20
CA LEU A 85 8.24 5.30 3.94
C LEU A 85 7.25 6.34 3.46
N ASP A 86 6.81 7.23 4.34
CA ASP A 86 6.04 8.41 3.91
C ASP A 86 6.97 9.52 3.40
N ASP A 87 8.17 9.63 3.97
CA ASP A 87 9.08 10.73 3.60
C ASP A 87 10.39 10.31 2.94
N ASP A 88 11.09 11.29 2.39
CA ASP A 88 12.41 11.13 1.73
C ASP A 88 13.54 10.87 2.73
N ILE A 89 14.54 10.08 2.33
CA ILE A 89 15.73 9.88 3.18
C ILE A 89 17.02 10.25 2.48
N LYS A 90 16.92 10.70 1.23
CA LYS A 90 18.12 11.10 0.52
C LYS A 90 18.93 12.06 1.37
N GLY A 91 20.23 11.79 1.52
CA GLY A 91 21.15 12.68 2.26
C GLY A 91 20.89 12.75 3.76
N LYS A 92 20.11 11.81 4.31
CA LYS A 92 19.80 11.79 5.74
C LYS A 92 20.53 10.65 6.44
N ASP A 93 20.73 10.77 7.76
CA ASP A 93 21.22 9.65 8.56
C ASP A 93 20.03 8.82 9.01
N VAL A 94 20.00 7.55 8.58
CA VAL A 94 18.88 6.63 8.82
C VAL A 94 19.26 5.59 9.87
N LEU A 95 18.42 5.46 10.88
CA LEU A 95 18.58 4.43 11.86
C LEU A 95 17.42 3.48 11.70
N LEU A 96 17.69 2.26 11.27
CA LEU A 96 16.67 1.20 11.20
C LEU A 96 16.45 0.65 12.58
N VAL A 97 15.19 0.54 12.98
CA VAL A 97 14.85 0.18 14.34
C VAL A 97 14.04 -1.11 14.30
N GLU A 98 14.59 -2.15 14.91
CA GLU A 98 13.98 -3.46 14.92
C GLU A 98 13.59 -3.94 16.29
N ASP A 99 12.50 -4.71 16.39
CA ASP A 99 12.20 -5.37 17.64
C ASP A 99 13.15 -6.57 17.87
N ILE A 100 13.31 -7.39 16.86
CA ILE A 100 14.17 -8.57 16.96
C ILE A 100 14.78 -8.91 15.59
N ILE A 101 16.06 -9.28 15.59
CA ILE A 101 16.71 -9.74 14.38
C ILE A 101 17.05 -11.21 14.58
N ASP A 102 16.58 -12.06 13.68
CA ASP A 102 16.89 -13.47 13.80
C ASP A 102 17.62 -14.00 12.56
N THR A 103 16.87 -14.28 11.48
CA THR A 103 17.50 -14.77 10.26
C THR A 103 18.27 -13.62 9.61
N GLY A 104 17.75 -12.39 9.74
CA GLY A 104 18.33 -11.23 9.11
C GLY A 104 17.91 -11.01 7.66
N ASN A 105 17.11 -11.92 7.11
CA ASN A 105 16.71 -11.83 5.70
C ASN A 105 15.92 -10.59 5.31
N THR A 106 14.91 -10.27 6.09
CA THR A 106 14.05 -9.15 5.76
C THR A 106 14.79 -7.85 5.93
N LEU A 107 15.49 -7.76 7.06
CA LEU A 107 16.21 -6.55 7.42
C LEU A 107 17.26 -6.23 6.37
N ASN A 108 18.01 -7.25 5.96
CA ASN A 108 19.02 -7.10 4.92
C ASN A 108 18.41 -6.53 3.62
N LYS A 109 17.27 -7.06 3.21
CA LYS A 109 16.69 -6.58 1.94
C LYS A 109 16.18 -5.15 2.11
N VAL A 110 15.62 -4.85 3.28
CA VAL A 110 15.12 -3.50 3.57
C VAL A 110 16.29 -2.53 3.54
N LYS A 111 17.40 -2.90 4.14
CA LYS A 111 18.58 -2.03 4.06
C LYS A 111 19.03 -1.79 2.61
N GLU A 112 19.06 -2.84 1.80
CA GLU A 112 19.45 -2.68 0.40
C GLU A 112 18.47 -1.80 -0.37
N ILE A 113 17.18 -1.93 -0.06
CA ILE A 113 16.17 -1.11 -0.74
C ILE A 113 16.38 0.36 -0.41
N LEU A 114 16.62 0.65 0.87
CA LEU A 114 16.75 2.04 1.29
C LEU A 114 18.07 2.63 0.84
N ALA A 115 19.10 1.77 0.72
CA ALA A 115 20.41 2.26 0.31
C ALA A 115 20.33 2.87 -1.08
N LEU A 116 19.47 2.31 -1.95
CA LEU A 116 19.29 2.88 -3.29
C LEU A 116 18.86 4.36 -3.26
N ARG A 117 18.34 4.83 -2.12
CA ARG A 117 17.86 6.21 -2.07
C ARG A 117 18.94 7.22 -1.70
N GLU A 118 20.17 6.74 -1.50
CA GLU A 118 21.32 7.59 -1.11
C GLU A 118 21.15 8.45 0.16
N PRO A 119 20.74 7.81 1.25
CA PRO A 119 20.81 8.39 2.56
C PRO A 119 22.27 8.67 2.88
N LYS A 120 22.55 9.58 3.78
CA LYS A 120 23.94 9.84 4.13
C LYS A 120 24.52 8.59 4.80
N SER A 121 23.72 7.92 5.62
CA SER A 121 24.17 6.70 6.29
C SER A 121 23.00 5.85 6.72
N ILE A 122 23.22 4.54 6.85
CA ILE A 122 22.23 3.65 7.45
C ILE A 122 22.91 2.82 8.52
N ARG A 123 22.34 2.81 9.71
CA ARG A 123 22.79 1.96 10.78
C ARG A 123 21.56 1.26 11.35
N ILE A 124 21.79 0.28 12.20
CA ILE A 124 20.69 -0.56 12.65
C ILE A 124 20.75 -0.74 14.15
N CYS A 125 19.60 -0.61 14.81
N CYS A 125 19.62 -0.61 14.80
CA CYS A 125 19.45 -0.87 16.25
CA CYS A 125 19.53 -1.00 16.18
C CYS A 125 18.29 -1.82 16.57
C CYS A 125 18.41 -2.02 16.34
N THR A 126 18.56 -2.89 17.30
CA THR A 126 17.51 -3.87 17.60
C THR A 126 17.40 -4.06 19.08
N LEU A 127 16.20 -4.37 19.56
CA LEU A 127 16.07 -4.57 20.98
C LEU A 127 16.57 -5.96 21.36
N LEU A 128 16.19 -6.96 20.58
CA LEU A 128 16.64 -8.31 20.79
C LEU A 128 17.42 -8.84 19.57
N ASP A 129 18.41 -9.67 19.83
CA ASP A 129 19.21 -10.29 18.77
C ASP A 129 19.27 -11.77 19.07
N LYS A 130 18.90 -12.59 18.09
CA LYS A 130 19.09 -14.05 18.15
C LYS A 130 20.21 -14.46 17.19
N PRO A 131 21.48 -14.32 17.60
CA PRO A 131 22.59 -14.54 16.67
C PRO A 131 22.59 -15.95 16.06
N THR A 132 22.17 -16.98 16.80
CA THR A 132 22.23 -18.34 16.28
C THR A 132 21.28 -18.62 15.13
N ARG A 133 20.35 -17.69 14.86
CA ARG A 133 19.39 -17.85 13.77
C ARG A 133 19.78 -17.23 12.42
N ARG A 134 20.86 -16.45 12.41
CA ARG A 134 21.30 -15.72 11.23
C ARG A 134 21.42 -16.60 9.99
N GLU A 135 20.94 -16.09 8.86
CA GLU A 135 21.04 -16.78 7.59
C GLU A 135 21.71 -15.87 6.59
N VAL A 136 21.86 -14.61 6.98
CA VAL A 136 22.51 -13.63 6.14
C VAL A 136 23.24 -12.63 7.05
N ASP A 137 24.32 -12.09 6.56
CA ASP A 137 25.16 -11.18 7.31
C ASP A 137 24.49 -9.83 7.30
N VAL A 138 24.03 -9.35 8.45
CA VAL A 138 23.70 -7.92 8.51
C VAL A 138 24.41 -7.32 9.70
N GLU A 139 24.98 -6.15 9.53
CA GLU A 139 25.74 -5.57 10.61
C GLU A 139 24.80 -4.72 11.45
N VAL A 140 24.74 -4.99 12.75
CA VAL A 140 23.87 -4.27 13.66
C VAL A 140 24.69 -3.54 14.70
N ASN A 141 24.67 -2.21 14.65
CA ASN A 141 25.51 -1.44 15.53
C ASN A 141 25.07 -1.44 17.00
N TRP A 142 23.76 -1.36 17.25
CA TRP A 142 23.26 -1.34 18.62
C TRP A 142 22.30 -2.50 18.90
N VAL A 143 22.56 -3.25 19.97
CA VAL A 143 21.75 -4.42 20.33
C VAL A 143 21.38 -4.30 21.80
N GLY A 144 20.09 -4.31 22.12
CA GLY A 144 19.66 -4.26 23.49
C GLY A 144 20.09 -5.49 24.26
N PHE A 145 19.64 -6.66 23.81
CA PHE A 145 19.89 -7.92 24.48
C PHE A 145 20.07 -9.04 23.47
N GLU A 146 21.13 -9.80 23.63
CA GLU A 146 21.30 -11.01 22.83
C GLU A 146 20.61 -12.16 23.55
N ILE A 147 19.80 -12.94 22.83
CA ILE A 147 19.01 -13.98 23.47
C ILE A 147 19.10 -15.30 22.70
N PRO A 148 18.89 -16.41 23.41
CA PRO A 148 18.82 -17.70 22.78
C PRO A 148 17.55 -17.78 21.97
N ASP A 149 17.45 -18.81 21.16
CA ASP A 149 16.31 -18.92 20.27
C ASP A 149 15.09 -19.50 20.99
N GLU A 150 14.44 -18.68 21.82
CA GLU A 150 13.18 -19.07 22.52
C GLU A 150 11.98 -18.35 21.87
N PHE A 151 10.75 -18.78 22.18
CA PHE A 151 9.56 -18.02 21.76
C PHE A 151 9.42 -16.84 22.71
N VAL A 152 9.92 -15.69 22.30
CA VAL A 152 9.84 -14.49 23.15
C VAL A 152 8.64 -13.65 22.71
N VAL A 153 8.04 -12.92 23.63
CA VAL A 153 6.94 -12.01 23.33
C VAL A 153 7.13 -10.73 24.17
N GLY A 154 6.31 -9.71 23.89
CA GLY A 154 6.39 -8.44 24.64
C GLY A 154 7.12 -7.30 23.96
N VAL A 155 6.85 -6.09 24.45
CA VAL A 155 7.53 -4.89 23.93
C VAL A 155 7.45 -4.91 22.40
N GLY A 156 6.25 -5.18 21.89
CA GLY A 156 5.99 -5.14 20.47
C GLY A 156 5.96 -6.51 19.82
N ILE A 157 6.54 -7.52 20.46
CA ILE A 157 6.70 -8.84 19.82
C ILE A 157 5.55 -9.76 20.08
N ASP A 158 5.02 -10.38 19.03
CA ASP A 158 3.75 -11.11 19.21
C ASP A 158 4.03 -12.59 19.18
N TYR A 159 3.08 -13.37 19.70
CA TYR A 159 3.00 -14.79 19.44
C TYR A 159 1.59 -15.00 18.92
N ALA A 160 1.49 -15.45 17.67
CA ALA A 160 0.18 -15.60 17.05
C ALA A 160 -0.64 -14.29 17.25
N GLN A 161 0.02 -13.14 17.05
CA GLN A 161 -0.57 -11.81 17.26
C GLN A 161 -0.90 -11.39 18.71
N LYS A 162 -0.86 -12.33 19.66
CA LYS A 162 -1.04 -11.94 21.08
C LYS A 162 0.23 -11.33 21.70
N TYR A 163 0.05 -10.60 22.80
CA TYR A 163 1.13 -10.22 23.71
C TYR A 163 2.11 -9.14 23.27
N ARG A 164 1.85 -8.45 22.16
CA ARG A 164 2.69 -7.28 21.83
C ARG A 164 2.69 -6.21 22.91
N HIS A 165 1.62 -6.20 23.72
CA HIS A 165 1.32 -5.13 24.71
C HIS A 165 1.96 -5.43 26.08
N LEU A 166 2.57 -6.60 26.26
CA LEU A 166 3.32 -6.86 27.52
C LEU A 166 4.45 -5.86 27.69
N PRO A 167 4.62 -5.33 28.91
CA PRO A 167 5.69 -4.33 29.12
C PRO A 167 7.05 -5.00 29.36
N TYR A 168 7.05 -6.33 29.44
CA TYR A 168 8.29 -7.06 29.67
C TYR A 168 8.58 -7.99 28.48
N ILE A 169 9.80 -8.48 28.36
CA ILE A 169 10.06 -9.56 27.43
C ILE A 169 9.71 -10.87 28.10
N GLY A 170 8.77 -11.57 27.52
CA GLY A 170 8.31 -12.81 28.13
C GLY A 170 8.75 -13.99 27.31
N LYS A 171 8.61 -15.19 27.85
CA LYS A 171 8.90 -16.43 27.14
C LYS A 171 7.65 -17.29 27.26
N VAL A 172 7.17 -17.82 26.14
CA VAL A 172 5.97 -18.66 26.16
C VAL A 172 6.37 -20.06 26.53
N VAL A 173 5.69 -20.60 27.54
CA VAL A 173 6.07 -21.87 28.13
C VAL A 173 4.87 -22.83 28.20
N PRO A 174 5.10 -24.13 27.95
CA PRO A 174 4.04 -25.14 28.19
C PRO A 174 3.68 -25.28 29.68
N LEU A 175 2.41 -25.54 30.00
CA LEU A 175 1.99 -25.77 31.40
C LEU A 175 1.79 -27.24 31.76
N ALA A 176 0.96 -27.48 32.78
CA ALA A 176 0.64 -28.83 33.28
C ALA A 176 1.87 -29.71 33.46
N LYS B 2 12.94 31.66 15.17
CA LYS B 2 11.84 30.86 14.56
C LYS B 2 10.89 30.39 15.64
N HIS B 3 11.28 29.37 16.40
CA HIS B 3 10.36 28.84 17.42
C HIS B 3 11.06 28.18 18.59
N THR B 4 10.35 28.12 19.72
CA THR B 4 10.70 27.17 20.77
C THR B 4 9.51 26.26 21.13
N VAL B 5 9.76 25.32 22.03
CA VAL B 5 8.72 24.41 22.47
C VAL B 5 8.60 24.50 23.99
N GLU B 6 7.40 24.79 24.49
CA GLU B 6 7.15 24.80 25.91
C GLU B 6 6.45 23.55 26.36
N VAL B 7 6.81 23.05 27.55
CA VAL B 7 6.03 21.97 28.17
C VAL B 7 4.65 22.51 28.47
N MET B 8 3.65 21.79 28.00
CA MET B 8 2.26 22.07 28.24
C MET B 8 1.64 20.99 29.14
N ILE B 9 1.97 19.72 28.90
CA ILE B 9 1.50 18.60 29.73
C ILE B 9 2.72 17.69 29.98
N SER B 10 3.14 17.56 31.24
CA SER B 10 4.44 16.95 31.54
C SER B 10 4.43 15.45 31.24
N GLU B 11 5.63 14.89 31.07
CA GLU B 11 5.76 13.46 30.89
C GLU B 11 5.03 12.67 31.97
N GLN B 12 5.17 13.07 33.24
CA GLN B 12 4.51 12.35 34.32
C GLN B 12 2.99 12.51 34.25
N GLU B 13 2.48 13.71 33.97
CA GLU B 13 1.03 13.89 33.78
C GLU B 13 0.49 12.96 32.69
N VAL B 14 1.19 12.90 31.57
CA VAL B 14 0.77 12.02 30.48
C VAL B 14 0.76 10.56 30.93
N ALA B 15 1.87 10.09 31.52
CA ALA B 15 1.93 8.69 32.00
C ALA B 15 0.78 8.34 32.94
N GLN B 16 0.49 9.24 33.89
CA GLN B 16 -0.61 9.00 34.84
C GLN B 16 -1.98 8.91 34.14
N ARG B 17 -2.25 9.84 33.22
CA ARG B 17 -3.53 9.81 32.48
C ARG B 17 -3.70 8.54 31.61
N ILE B 18 -2.63 8.14 30.95
CA ILE B 18 -2.64 6.95 30.11
C ILE B 18 -2.91 5.73 30.96
N ARG B 19 -2.32 5.70 32.16
CA ARG B 19 -2.60 4.61 33.08
C ARG B 19 -4.08 4.57 33.48
N GLU B 20 -4.69 5.75 33.66
CA GLU B 20 -6.11 5.81 34.02
C GLU B 20 -6.99 5.30 32.89
N LEU B 21 -6.68 5.73 31.67
CA LEU B 21 -7.39 5.29 30.48
C LEU B 21 -7.26 3.78 30.28
N GLY B 22 -6.04 3.24 30.45
CA GLY B 22 -5.84 1.81 30.28
C GLY B 22 -6.66 1.00 31.30
N GLN B 23 -6.71 1.53 32.50
CA GLN B 23 -7.53 0.90 33.53
C GLN B 23 -9.03 0.87 33.17
N GLN B 24 -9.55 2.00 32.72
CA GLN B 24 -10.94 2.06 32.30
C GLN B 24 -11.20 1.17 31.11
N ILE B 25 -10.27 1.18 30.16
CA ILE B 25 -10.41 0.34 28.98
C ILE B 25 -10.42 -1.13 29.37
N THR B 26 -9.60 -1.50 30.33
CA THR B 26 -9.50 -2.89 30.80
C THR B 26 -10.83 -3.34 31.41
N GLU B 27 -11.38 -2.48 32.25
CA GLU B 27 -12.67 -2.77 32.87
C GLU B 27 -13.73 -2.93 31.78
N HIS B 28 -13.77 -1.98 30.85
CA HIS B 28 -14.78 -1.97 29.80
C HIS B 28 -14.81 -3.28 28.99
N TYR B 29 -13.64 -3.78 28.60
CA TYR B 29 -13.61 -4.95 27.71
C TYR B 29 -13.36 -6.25 28.47
N GLN B 30 -13.50 -6.22 29.79
CA GLN B 30 -13.35 -7.42 30.58
C GLN B 30 -14.27 -8.51 30.02
N GLY B 31 -13.77 -9.73 29.94
CA GLY B 31 -14.59 -10.82 29.41
C GLY B 31 -14.69 -10.85 27.89
N SER B 32 -14.18 -9.81 27.22
CA SER B 32 -14.05 -9.83 25.76
C SER B 32 -12.92 -10.76 25.32
N SER B 33 -13.25 -11.67 24.42
CA SER B 33 -12.22 -12.54 23.85
C SER B 33 -11.32 -11.85 22.83
N ASP B 34 -11.88 -10.91 22.04
CA ASP B 34 -11.10 -10.32 20.96
C ASP B 34 -11.13 -8.79 20.90
N LEU B 35 -10.29 -8.19 21.71
CA LEU B 35 -10.00 -6.78 21.58
C LEU B 35 -8.88 -6.60 20.54
N VAL B 36 -9.06 -5.63 19.65
CA VAL B 36 -7.97 -5.17 18.78
C VAL B 36 -7.88 -3.63 18.82
N LEU B 37 -6.70 -3.13 19.18
CA LEU B 37 -6.43 -1.71 19.13
C LEU B 37 -5.89 -1.37 17.76
N VAL B 38 -6.46 -0.33 17.15
CA VAL B 38 -6.09 0.05 15.79
C VAL B 38 -5.62 1.51 15.84
N GLY B 39 -4.35 1.73 15.56
CA GLY B 39 -3.83 3.12 15.57
C GLY B 39 -3.79 3.67 14.15
N LEU B 40 -4.00 4.96 14.04
CA LEU B 40 -3.81 5.62 12.76
C LEU B 40 -2.40 6.20 12.69
N LEU B 41 -1.61 5.77 11.71
CA LEU B 41 -0.21 6.21 11.58
C LEU B 41 -0.11 7.59 10.93
N ARG B 42 0.98 8.34 11.17
CA ARG B 42 2.05 7.94 12.09
C ARG B 42 1.74 8.38 13.52
N GLY B 43 0.88 9.38 13.66
CA GLY B 43 0.74 10.09 14.94
C GLY B 43 0.46 9.22 16.15
N SER B 44 -0.23 8.11 15.97
CA SER B 44 -0.78 7.47 17.15
C SER B 44 0.16 6.43 17.78
N PHE B 45 1.36 6.22 17.20
CA PHE B 45 2.15 5.05 17.59
C PHE B 45 2.72 5.11 19.01
N VAL B 46 3.11 6.29 19.47
CA VAL B 46 3.64 6.42 20.83
C VAL B 46 2.54 6.23 21.89
N PHE B 47 1.42 6.95 21.73
CA PHE B 47 0.26 6.77 22.59
C PHE B 47 -0.16 5.32 22.58
N MET B 48 -0.24 4.73 21.40
CA MET B 48 -0.56 3.32 21.30
C MET B 48 0.40 2.44 22.14
N ALA B 49 1.71 2.66 22.03
CA ALA B 49 2.68 1.81 22.74
C ALA B 49 2.46 1.90 24.26
N ASP B 50 2.33 3.14 24.77
CA ASP B 50 2.09 3.36 26.20
C ASP B 50 0.71 2.81 26.70
N LEU B 51 -0.34 3.06 25.92
CA LEU B 51 -1.69 2.65 26.27
C LEU B 51 -1.85 1.13 26.27
N ALA B 52 -1.38 0.43 25.23
CA ALA B 52 -1.48 -1.04 25.20
C ALA B 52 -0.78 -1.68 26.39
N ARG B 53 0.31 -1.08 26.86
CA ARG B 53 1.00 -1.59 28.03
C ARG B 53 0.25 -1.33 29.36
N GLN B 54 -0.77 -0.48 29.34
CA GLN B 54 -1.58 -0.23 30.53
C GLN B 54 -2.94 -0.92 30.44
N ILE B 55 -3.15 -1.71 29.40
CA ILE B 55 -4.39 -2.47 29.26
C ILE B 55 -4.06 -3.90 29.63
N HIS B 56 -4.72 -4.42 30.66
CA HIS B 56 -4.34 -5.73 31.21
C HIS B 56 -5.32 -6.83 30.83
N LEU B 57 -5.54 -6.94 29.52
CA LEU B 57 -6.29 -8.01 28.90
C LEU B 57 -5.43 -8.39 27.71
N THR B 58 -5.49 -9.65 27.32
CA THR B 58 -4.82 -10.09 26.10
C THR B 58 -5.49 -9.38 24.94
N HIS B 59 -4.71 -8.77 24.07
CA HIS B 59 -5.31 -8.12 22.90
C HIS B 59 -4.36 -8.11 21.69
N GLN B 60 -4.88 -7.71 20.54
CA GLN B 60 -4.06 -7.54 19.35
C GLN B 60 -3.90 -6.05 19.04
N VAL B 61 -2.86 -5.73 18.26
CA VAL B 61 -2.58 -4.38 17.78
C VAL B 61 -2.41 -4.41 16.26
N ASP B 62 -2.97 -3.42 15.58
CA ASP B 62 -2.89 -3.34 14.11
C ASP B 62 -2.88 -1.83 13.85
N PHE B 63 -2.61 -1.44 12.60
CA PHE B 63 -2.51 -0.02 12.20
C PHE B 63 -3.08 0.22 10.80
N MET B 64 -3.51 1.46 10.58
CA MET B 64 -4.01 1.94 9.30
C MET B 64 -3.35 3.25 8.99
N THR B 65 -3.17 3.53 7.70
CA THR B 65 -2.72 4.84 7.32
C THR B 65 -3.78 5.40 6.39
N ALA B 66 -4.43 6.48 6.82
CA ALA B 66 -5.46 7.11 6.04
C ALA B 66 -4.81 8.29 5.33
N SER B 67 -5.34 8.68 4.18
CA SER B 67 -4.75 9.78 3.42
C SER B 67 -5.00 11.12 4.09
N SER B 68 -4.06 12.04 3.83
CA SER B 68 -4.23 13.48 4.03
C SER B 68 -4.72 14.15 2.73
N ARG B 77 -9.32 15.54 -1.04
N ARG B 77 -9.11 15.41 -0.15
CA ARG B 77 -10.47 15.53 -0.13
CA ARG B 77 -10.58 15.55 -0.16
C ARG B 77 -10.89 14.13 0.37
C ARG B 77 -11.30 14.24 0.23
N ASP B 78 -11.09 13.18 -0.55
CA ASP B 78 -11.55 11.83 -0.18
C ASP B 78 -10.62 11.28 0.88
N VAL B 79 -11.15 10.50 1.81
CA VAL B 79 -10.29 9.81 2.75
C VAL B 79 -9.96 8.45 2.18
N ARG B 80 -8.71 8.27 1.79
CA ARG B 80 -8.28 7.04 1.15
C ARG B 80 -7.39 6.24 2.09
N ILE B 81 -7.33 4.93 1.87
CA ILE B 81 -6.56 4.05 2.73
C ILE B 81 -5.22 3.77 2.07
N LEU B 82 -4.17 4.39 2.57
CA LEU B 82 -2.83 4.17 2.03
C LEU B 82 -2.24 2.87 2.54
N LYS B 83 -2.57 2.51 3.78
CA LYS B 83 -2.18 1.23 4.35
C LYS B 83 -3.35 0.71 5.17
N ASP B 84 -3.87 -0.45 4.78
CA ASP B 84 -4.95 -1.09 5.50
C ASP B 84 -4.42 -2.00 6.62
N LEU B 85 -5.34 -2.45 7.46
CA LEU B 85 -5.08 -3.43 8.50
C LEU B 85 -4.46 -4.67 7.89
N ASP B 86 -3.67 -5.38 8.69
CA ASP B 86 -3.13 -6.65 8.21
C ASP B 86 -4.07 -7.78 8.58
N ASP B 87 -4.82 -7.59 9.67
CA ASP B 87 -5.68 -8.65 10.19
C ASP B 87 -7.20 -8.35 10.13
N ASP B 88 -8.01 -9.41 10.20
CA ASP B 88 -9.46 -9.28 10.12
C ASP B 88 -10.03 -8.73 11.41
N ILE B 89 -11.14 -7.99 11.32
CA ILE B 89 -11.79 -7.49 12.53
C ILE B 89 -13.23 -7.94 12.65
N LYS B 90 -13.67 -8.85 11.79
CA LYS B 90 -15.06 -9.25 11.85
C LYS B 90 -15.33 -9.90 13.19
N GLY B 91 -16.45 -9.55 13.83
CA GLY B 91 -16.76 -10.12 15.13
C GLY B 91 -15.90 -9.66 16.30
N LYS B 92 -14.97 -8.74 16.06
CA LYS B 92 -14.06 -8.32 17.13
C LYS B 92 -14.47 -6.97 17.73
N ASP B 93 -13.99 -6.74 18.94
CA ASP B 93 -14.14 -5.45 19.61
C ASP B 93 -12.97 -4.58 19.20
N VAL B 94 -13.26 -3.48 18.51
CA VAL B 94 -12.22 -2.68 17.91
C VAL B 94 -12.12 -1.34 18.66
N LEU B 95 -10.90 -0.99 19.02
CA LEU B 95 -10.66 0.24 19.73
C LEU B 95 -9.76 1.10 18.85
N LEU B 96 -10.32 2.15 18.29
CA LEU B 96 -9.52 3.04 17.46
C LEU B 96 -8.69 3.92 18.35
N VAL B 97 -7.39 4.07 18.04
CA VAL B 97 -6.48 4.86 18.86
C VAL B 97 -5.87 6.01 18.05
N GLU B 98 -6.02 7.21 18.58
CA GLU B 98 -5.64 8.44 17.92
C GLU B 98 -4.72 9.28 18.84
N ASP B 99 -3.78 9.99 18.25
CA ASP B 99 -2.95 10.91 19.04
C ASP B 99 -3.77 12.16 19.37
N ILE B 100 -4.50 12.67 18.40
CA ILE B 100 -5.29 13.88 18.59
C ILE B 100 -6.48 13.83 17.65
N ILE B 101 -7.63 14.31 18.11
CA ILE B 101 -8.82 14.49 17.31
C ILE B 101 -9.14 15.97 17.26
N ASP B 102 -9.17 16.53 16.06
CA ASP B 102 -9.55 17.93 15.92
C ASP B 102 -10.82 18.03 15.08
N THR B 103 -10.72 17.98 13.76
CA THR B 103 -11.92 18.14 12.93
C THR B 103 -12.82 16.89 12.98
N GLY B 104 -12.22 15.74 13.21
CA GLY B 104 -12.90 14.46 13.19
C GLY B 104 -13.19 13.85 11.81
N ASN B 105 -12.87 14.60 10.75
CA ASN B 105 -13.18 14.17 9.35
C ASN B 105 -12.58 12.82 8.96
N THR B 106 -11.26 12.71 9.13
CA THR B 106 -10.57 11.47 8.84
C THR B 106 -11.03 10.27 9.66
N LEU B 107 -11.08 10.47 10.97
CA LEU B 107 -11.48 9.43 11.89
C LEU B 107 -12.92 8.94 11.62
N ASN B 108 -13.83 9.86 11.35
CA ASN B 108 -15.20 9.48 10.99
C ASN B 108 -15.23 8.49 9.82
N LYS B 109 -14.43 8.75 8.78
CA LYS B 109 -14.47 7.91 7.57
C LYS B 109 -13.84 6.55 7.86
N VAL B 110 -12.77 6.56 8.64
CA VAL B 110 -12.07 5.36 9.01
C VAL B 110 -13.03 4.47 9.78
N LYS B 111 -13.80 5.08 10.67
CA LYS B 111 -14.79 4.33 11.39
C LYS B 111 -15.83 3.71 10.45
N GLU B 112 -16.36 4.49 9.53
CA GLU B 112 -17.35 3.96 8.58
C GLU B 112 -16.74 2.84 7.75
N ILE B 113 -15.48 3.00 7.35
CA ILE B 113 -14.83 1.99 6.52
C ILE B 113 -14.75 0.69 7.32
N LEU B 114 -14.28 0.79 8.57
CA LEU B 114 -14.15 -0.40 9.39
C LEU B 114 -15.50 -1.02 9.75
N ALA B 115 -16.53 -0.18 9.98
CA ALA B 115 -17.83 -0.76 10.30
C ALA B 115 -18.35 -1.72 9.21
N LEU B 116 -17.93 -1.50 7.97
CA LEU B 116 -18.38 -2.39 6.89
C LEU B 116 -17.91 -3.85 7.07
N ARG B 117 -16.88 -4.04 7.89
CA ARG B 117 -16.32 -5.36 8.11
C ARG B 117 -17.05 -6.10 9.23
N GLU B 118 -18.04 -5.43 9.80
CA GLU B 118 -18.86 -6.02 10.84
C GLU B 118 -18.09 -6.45 12.10
N PRO B 119 -17.29 -5.52 12.66
CA PRO B 119 -16.73 -5.79 13.97
C PRO B 119 -17.88 -5.91 14.95
N LYS B 120 -17.65 -6.54 16.09
CA LYS B 120 -18.67 -6.56 17.16
C LYS B 120 -18.96 -5.16 17.70
N SER B 121 -17.92 -4.34 17.85
CA SER B 121 -18.09 -2.97 18.33
C SER B 121 -16.92 -2.12 17.88
N ILE B 122 -17.13 -0.81 17.82
CA ILE B 122 -16.03 0.14 17.60
C ILE B 122 -16.14 1.25 18.63
N ARG B 123 -15.04 1.54 19.30
CA ARG B 123 -14.97 2.67 20.24
C ARG B 123 -13.71 3.44 19.87
N ILE B 124 -13.62 4.67 20.35
CA ILE B 124 -12.46 5.52 20.04
C ILE B 124 -11.82 6.05 21.32
N CYS B 125 -10.50 6.10 21.32
N CYS B 125 -10.49 6.10 21.34
CA CYS B 125 -9.72 6.69 22.39
CA CYS B 125 -9.78 6.73 22.45
C CYS B 125 -8.85 7.74 21.72
C CYS B 125 -8.69 7.63 21.88
N THR B 126 -8.56 8.83 22.42
CA THR B 126 -7.56 9.79 21.92
C THR B 126 -6.77 10.32 23.10
N LEU B 127 -5.48 10.61 22.89
CA LEU B 127 -4.67 11.24 23.92
C LEU B 127 -5.12 12.69 24.10
N LEU B 128 -5.26 13.39 22.98
CA LEU B 128 -5.70 14.78 23.03
C LEU B 128 -6.99 14.95 22.24
N ASP B 129 -7.81 15.90 22.67
CA ASP B 129 -9.02 16.27 21.99
C ASP B 129 -9.12 17.80 21.91
N LYS B 130 -9.33 18.34 20.70
CA LYS B 130 -9.60 19.76 20.47
C LYS B 130 -11.06 19.91 20.04
N PRO B 131 -11.99 19.97 21.00
CA PRO B 131 -13.41 19.90 20.61
C PRO B 131 -13.90 21.10 19.79
N THR B 132 -13.23 22.25 19.92
CA THR B 132 -13.62 23.44 19.15
C THR B 132 -13.35 23.35 17.66
N ARG B 133 -12.53 22.39 17.26
CA ARG B 133 -12.15 22.23 15.86
C ARG B 133 -13.08 21.24 15.13
N ARG B 134 -14.02 20.65 15.86
CA ARG B 134 -14.84 19.57 15.36
C ARG B 134 -15.66 20.02 14.14
N GLU B 135 -15.70 19.17 13.12
CA GLU B 135 -16.46 19.49 11.92
C GLU B 135 -17.53 18.45 11.64
N VAL B 136 -17.31 17.24 12.13
CA VAL B 136 -18.31 16.17 12.06
C VAL B 136 -18.52 15.60 13.47
N ASP B 137 -19.63 14.90 13.67
CA ASP B 137 -19.89 14.29 14.96
C ASP B 137 -19.20 12.95 15.07
N VAL B 138 -18.19 12.86 15.93
CA VAL B 138 -17.60 11.57 16.22
C VAL B 138 -17.56 11.40 17.74
N GLU B 139 -18.11 10.30 18.23
CA GLU B 139 -18.18 10.13 19.67
C GLU B 139 -16.91 9.47 20.19
N VAL B 140 -16.28 10.10 21.18
CA VAL B 140 -15.02 9.60 21.67
C VAL B 140 -15.15 9.21 23.14
N ASN B 141 -15.11 7.92 23.41
CA ASN B 141 -15.40 7.43 24.76
C ASN B 141 -14.28 7.76 25.76
N TRP B 142 -13.02 7.71 25.32
CA TRP B 142 -11.88 7.88 26.20
C TRP B 142 -10.97 9.00 25.67
N VAL B 143 -10.81 10.07 26.45
CA VAL B 143 -10.05 11.24 26.06
C VAL B 143 -8.98 11.49 27.15
N GLY B 144 -7.70 11.49 26.78
CA GLY B 144 -6.65 11.82 27.72
C GLY B 144 -6.77 13.24 28.25
N PHE B 145 -6.62 14.21 27.36
CA PHE B 145 -6.71 15.60 27.75
C PHE B 145 -7.49 16.39 26.73
N GLU B 146 -8.44 17.19 27.21
CA GLU B 146 -9.16 18.11 26.34
C GLU B 146 -8.39 19.42 26.36
N ILE B 147 -8.05 19.95 25.17
CA ILE B 147 -7.13 21.10 25.08
C ILE B 147 -7.63 22.20 24.13
N PRO B 148 -7.14 23.43 24.32
CA PRO B 148 -7.43 24.47 23.33
C PRO B 148 -6.74 24.22 21.98
N ASP B 149 -7.14 24.97 20.97
CA ASP B 149 -6.58 24.81 19.65
C ASP B 149 -5.15 25.39 19.52
N GLU B 150 -4.22 24.82 20.28
CA GLU B 150 -2.81 25.24 20.26
C GLU B 150 -2.01 24.35 19.30
N PHE B 151 -0.86 24.84 18.81
CA PHE B 151 0.11 24.01 18.07
C PHE B 151 0.83 23.09 19.06
N VAL B 152 0.39 21.84 19.16
CA VAL B 152 0.98 20.86 20.10
C VAL B 152 1.87 19.86 19.37
N VAL B 153 2.84 19.29 20.11
CA VAL B 153 3.78 18.29 19.61
C VAL B 153 4.12 17.33 20.75
N GLY B 154 4.85 16.27 20.43
CA GLY B 154 5.29 15.33 21.46
C GLY B 154 4.41 14.10 21.52
N VAL B 155 4.91 13.07 22.21
CA VAL B 155 4.17 11.82 22.36
C VAL B 155 3.54 11.43 21.01
N GLY B 156 4.36 11.46 19.97
CA GLY B 156 3.89 11.04 18.65
C GLY B 156 3.51 12.16 17.70
N ILE B 157 3.10 13.30 18.22
CA ILE B 157 2.64 14.41 17.38
C ILE B 157 3.79 15.25 16.84
N ASP B 158 3.80 15.53 15.53
CA ASP B 158 4.92 16.30 14.95
C ASP B 158 4.58 17.75 14.64
N TYR B 159 5.63 18.54 14.44
CA TYR B 159 5.50 19.77 13.72
C TYR B 159 6.57 19.75 12.62
N ALA B 160 6.12 19.84 11.36
CA ALA B 160 7.02 19.70 10.22
C ALA B 160 7.85 18.43 10.36
N GLN B 161 7.19 17.34 10.76
CA GLN B 161 7.84 16.01 10.98
C GLN B 161 8.79 15.87 12.20
N LYS B 162 9.06 16.98 12.91
CA LYS B 162 9.89 16.94 14.12
C LYS B 162 9.06 16.79 15.39
N TYR B 163 9.73 16.47 16.49
CA TYR B 163 9.16 16.47 17.84
C TYR B 163 8.23 15.33 18.21
N ARG B 164 8.03 14.37 17.32
CA ARG B 164 7.26 13.19 17.71
C ARG B 164 7.89 12.45 18.91
N HIS B 165 9.20 12.61 19.05
CA HIS B 165 9.98 11.86 20.05
C HIS B 165 10.03 12.56 21.42
N LEU B 166 9.40 13.73 21.56
CA LEU B 166 9.36 14.41 22.89
C LEU B 166 8.47 13.60 23.84
N PRO B 167 8.88 13.46 25.12
CA PRO B 167 8.15 12.58 26.06
C PRO B 167 7.01 13.32 26.74
N TYR B 168 6.92 14.62 26.51
CA TYR B 168 5.82 15.46 26.99
C TYR B 168 5.00 16.02 25.84
N ILE B 169 3.82 16.56 26.14
CA ILE B 169 3.09 17.30 25.14
C ILE B 169 3.61 18.71 25.25
N GLY B 170 4.18 19.19 24.16
CA GLY B 170 4.75 20.54 24.09
C GLY B 170 3.87 21.45 23.28
N LYS B 171 4.05 22.75 23.49
CA LYS B 171 3.39 23.75 22.67
C LYS B 171 4.46 24.47 21.84
N VAL B 172 4.27 24.48 20.52
CA VAL B 172 5.17 25.24 19.68
C VAL B 172 4.88 26.74 19.79
N VAL B 173 5.93 27.52 20.07
CA VAL B 173 5.77 28.94 20.35
C VAL B 173 6.69 29.70 19.39
N PRO B 174 6.08 30.36 18.38
CA PRO B 174 6.85 31.23 17.49
C PRO B 174 7.62 32.26 18.29
N LEU B 175 8.89 32.45 17.95
CA LEU B 175 9.69 33.53 18.54
C LEU B 175 9.90 34.71 17.56
N ALA B 176 10.68 35.70 18.02
CA ALA B 176 10.92 37.00 17.35
C ALA B 176 10.34 37.11 15.93
N HIS C 3 -8.31 23.83 -25.81
CA HIS C 3 -7.30 22.92 -26.40
C HIS C 3 -7.95 21.78 -27.20
N THR C 4 -7.16 21.16 -28.08
CA THR C 4 -7.67 20.05 -28.82
C THR C 4 -6.59 18.98 -28.98
N VAL C 5 -7.00 17.79 -29.43
CA VAL C 5 -6.10 16.64 -29.62
C VAL C 5 -6.03 16.28 -31.10
N GLU C 6 -4.83 16.23 -31.66
CA GLU C 6 -4.66 15.76 -33.01
C GLU C 6 -4.02 14.38 -32.97
N VAL C 7 -4.26 13.58 -34.00
CA VAL C 7 -3.70 12.27 -34.03
C VAL C 7 -2.22 12.38 -34.40
N MET C 8 -1.36 11.84 -33.56
CA MET C 8 0.06 11.85 -33.88
C MET C 8 0.48 10.46 -34.38
N ILE C 9 0.04 9.41 -33.70
CA ILE C 9 0.29 8.07 -34.17
C ILE C 9 -1.02 7.35 -34.17
N SER C 10 -1.47 6.93 -35.35
CA SER C 10 -2.78 6.29 -35.50
C SER C 10 -2.87 4.99 -34.73
N GLU C 11 -4.10 4.64 -34.40
CA GLU C 11 -4.40 3.39 -33.74
C GLU C 11 -3.79 2.20 -34.47
N GLN C 12 -3.95 2.16 -35.79
CA GLN C 12 -3.39 1.05 -36.59
C GLN C 12 -1.88 1.06 -36.64
N GLU C 13 -1.26 2.23 -36.64
CA GLU C 13 0.20 2.25 -36.61
C GLU C 13 0.68 1.74 -35.25
N VAL C 14 -0.07 2.08 -34.19
CA VAL C 14 0.25 1.61 -32.87
C VAL C 14 0.06 0.10 -32.86
N ALA C 15 -1.05 -0.40 -33.37
CA ALA C 15 -1.28 -1.84 -33.34
C ALA C 15 -0.20 -2.66 -34.08
N GLN C 16 0.21 -2.18 -35.27
CA GLN C 16 1.23 -2.85 -36.05
C GLN C 16 2.56 -2.87 -35.30
N ARG C 17 2.91 -1.76 -34.66
CA ARG C 17 4.17 -1.71 -33.93
C ARG C 17 4.13 -2.69 -32.73
N ILE C 18 2.99 -2.81 -32.05
CA ILE C 18 2.88 -3.71 -30.90
C ILE C 18 2.94 -5.19 -31.35
N ARG C 19 2.34 -5.48 -32.50
CA ARG C 19 2.52 -6.80 -33.13
C ARG C 19 4.00 -7.12 -33.35
N GLU C 20 4.77 -6.15 -33.86
CA GLU C 20 6.20 -6.37 -34.13
C GLU C 20 6.96 -6.58 -32.84
N LEU C 21 6.66 -5.76 -31.82
CA LEU C 21 7.28 -5.91 -30.49
C LEU C 21 6.97 -7.28 -29.88
N GLY C 22 5.71 -7.64 -29.95
CA GLY C 22 5.27 -8.99 -29.52
C GLY C 22 6.08 -10.09 -30.18
N GLN C 23 6.27 -9.99 -31.50
CA GLN C 23 7.02 -11.03 -32.22
C GLN C 23 8.49 -11.05 -31.78
N GLN C 24 9.08 -9.88 -31.62
CA GLN C 24 10.46 -9.82 -31.16
C GLN C 24 10.64 -10.39 -29.73
N ILE C 25 9.67 -10.09 -28.87
CA ILE C 25 9.72 -10.54 -27.47
C ILE C 25 9.47 -12.05 -27.40
N THR C 26 8.51 -12.55 -28.16
CA THR C 26 8.27 -13.99 -28.22
C THR C 26 9.54 -14.72 -28.63
N GLU C 27 10.19 -14.21 -29.66
CA GLU C 27 11.42 -14.79 -30.17
C GLU C 27 12.50 -14.77 -29.10
N HIS C 28 12.67 -13.64 -28.42
CA HIS C 28 13.74 -13.51 -27.43
C HIS C 28 13.54 -14.49 -26.26
N TYR C 29 12.30 -14.65 -25.79
CA TYR C 29 12.06 -15.50 -24.64
C TYR C 29 11.69 -16.94 -24.95
N GLN C 30 11.82 -17.34 -26.22
CA GLN C 30 11.43 -18.69 -26.65
C GLN C 30 12.10 -19.73 -25.76
N GLY C 31 11.33 -20.68 -25.24
CA GLY C 31 11.87 -21.72 -24.36
C GLY C 31 11.90 -21.33 -22.88
N SER C 32 11.53 -20.09 -22.56
CA SER C 32 11.38 -19.67 -21.17
C SER C 32 9.95 -19.89 -20.70
N SER C 33 9.79 -20.54 -19.55
CA SER C 33 8.49 -20.60 -18.89
C SER C 33 8.44 -19.64 -17.70
N ASP C 34 9.44 -18.76 -17.57
CA ASP C 34 9.51 -17.87 -16.40
C ASP C 34 9.24 -16.40 -16.70
N LEU C 35 8.57 -16.11 -17.80
CA LEU C 35 8.35 -14.74 -18.21
C LEU C 35 7.29 -14.04 -17.36
N VAL C 36 7.58 -12.83 -16.90
CA VAL C 36 6.56 -12.02 -16.26
C VAL C 36 6.67 -10.59 -16.73
N LEU C 37 5.54 -10.08 -17.22
CA LEU C 37 5.46 -8.68 -17.60
C LEU C 37 5.04 -7.87 -16.39
N VAL C 38 5.80 -6.83 -16.11
CA VAL C 38 5.47 -5.99 -14.98
C VAL C 38 5.17 -4.60 -15.48
N GLY C 39 3.94 -4.15 -15.29
CA GLY C 39 3.53 -2.82 -15.69
C GLY C 39 3.69 -1.76 -14.61
N LEU C 40 4.22 -0.61 -15.01
CA LEU C 40 4.25 0.55 -14.12
C LEU C 40 2.95 1.35 -14.26
N LEU C 41 2.20 1.38 -13.18
CA LEU C 41 0.88 1.99 -13.17
C LEU C 41 0.99 3.52 -13.00
N ARG C 42 -0.02 4.28 -13.44
CA ARG C 42 -1.19 3.77 -14.12
C ARG C 42 -0.98 3.65 -15.62
N GLY C 43 -0.05 4.44 -16.16
CA GLY C 43 0.00 4.67 -17.60
C GLY C 43 0.28 3.51 -18.54
N SER C 44 0.89 2.44 -18.01
CA SER C 44 1.31 1.35 -18.85
C SER C 44 0.23 0.31 -19.16
N PHE C 45 -0.96 0.43 -18.55
CA PHE C 45 -1.91 -0.70 -18.56
C PHE C 45 -2.52 -1.02 -19.94
N VAL C 46 -2.68 -0.02 -20.79
CA VAL C 46 -3.24 -0.26 -22.14
C VAL C 46 -2.20 -0.94 -23.04
N PHE C 47 -1.01 -0.34 -23.08
CA PHE C 47 0.09 -0.94 -23.80
C PHE C 47 0.32 -2.36 -23.33
N MET C 48 0.33 -2.54 -22.01
CA MET C 48 0.51 -3.86 -21.46
C MET C 48 -0.53 -4.87 -21.93
N ALA C 49 -1.82 -4.49 -21.84
CA ALA C 49 -2.90 -5.33 -22.34
C ALA C 49 -2.66 -5.77 -23.79
N ASP C 50 -2.30 -4.83 -24.65
CA ASP C 50 -2.14 -5.12 -26.08
C ASP C 50 -0.88 -5.96 -26.42
N LEU C 51 0.21 -5.66 -25.71
CA LEU C 51 1.48 -6.36 -25.89
C LEU C 51 1.38 -7.79 -25.43
N ALA C 52 0.86 -8.01 -24.21
CA ALA C 52 0.69 -9.37 -23.69
C ALA C 52 -0.03 -10.24 -24.71
N ARG C 53 -1.07 -9.68 -25.33
CA ARG C 53 -1.84 -10.42 -26.32
C ARG C 53 -1.06 -10.69 -27.63
N GLN C 54 0.05 -9.99 -27.82
CA GLN C 54 0.93 -10.23 -28.99
C GLN C 54 2.18 -11.07 -28.69
N ILE C 55 2.30 -11.56 -27.45
CA ILE C 55 3.39 -12.44 -27.04
C ILE C 55 2.90 -13.89 -26.94
N HIS C 56 3.37 -14.75 -27.84
CA HIS C 56 2.83 -16.10 -27.89
C HIS C 56 3.66 -17.04 -27.05
N LEU C 57 3.67 -16.77 -25.76
CA LEU C 57 4.37 -17.58 -24.76
C LEU C 57 3.48 -17.53 -23.55
N THR C 58 3.42 -18.61 -22.78
CA THR C 58 2.70 -18.59 -21.52
C THR C 58 3.51 -17.76 -20.56
N HIS C 59 2.90 -16.71 -20.01
CA HIS C 59 3.59 -15.82 -19.06
C HIS C 59 2.65 -15.29 -17.99
N GLN C 60 3.22 -14.65 -16.96
CA GLN C 60 2.48 -14.04 -15.88
C GLN C 60 2.47 -12.51 -16.02
N VAL C 61 1.57 -11.88 -15.27
CA VAL C 61 1.49 -10.42 -15.28
C VAL C 61 1.50 -9.87 -13.85
N ASP C 62 2.19 -8.77 -13.64
CA ASP C 62 2.16 -8.09 -12.35
C ASP C 62 2.27 -6.57 -12.61
N PHE C 63 2.18 -5.80 -11.54
CA PHE C 63 2.21 -4.32 -11.62
C PHE C 63 2.90 -3.73 -10.41
N MET C 64 3.58 -2.61 -10.63
CA MET C 64 4.07 -1.78 -9.54
C MET C 64 3.57 -0.36 -9.73
N THR C 65 3.39 0.36 -8.62
CA THR C 65 3.15 1.78 -8.69
C THR C 65 4.29 2.41 -7.95
N ALA C 66 5.10 3.15 -8.67
CA ALA C 66 6.22 3.87 -8.06
C ALA C 66 5.85 5.34 -8.04
N SER C 67 6.33 6.08 -7.04
CA SER C 67 5.97 7.50 -6.86
C SER C 67 7.03 8.45 -7.39
N SER C 68 6.60 9.51 -8.06
CA SER C 68 7.49 10.66 -8.32
C SER C 68 8.94 10.23 -8.56
N SER C 76 9.38 13.91 -2.23
CA SER C 76 9.53 14.47 -3.58
C SER C 76 10.61 13.67 -4.32
N ARG C 77 11.85 13.85 -3.89
CA ARG C 77 13.00 13.18 -4.50
C ARG C 77 12.91 11.65 -4.60
N ASP C 78 12.87 10.95 -3.45
CA ASP C 78 12.96 9.48 -3.43
C ASP C 78 11.93 8.80 -4.31
N VAL C 79 12.34 7.74 -5.00
CA VAL C 79 11.41 6.89 -5.71
C VAL C 79 10.86 5.86 -4.72
N ARG C 80 9.59 6.00 -4.39
CA ARG C 80 8.98 5.15 -3.37
C ARG C 80 8.00 4.17 -3.98
N ILE C 81 7.76 3.05 -3.31
CA ILE C 81 6.87 2.02 -3.85
C ILE C 81 5.49 2.18 -3.19
N LEU C 82 4.53 2.63 -3.97
CA LEU C 82 3.17 2.89 -3.48
C LEU C 82 2.35 1.62 -3.50
N LYS C 83 2.63 0.75 -4.47
CA LYS C 83 2.08 -0.62 -4.51
C LYS C 83 3.13 -1.49 -5.14
N ASP C 84 3.59 -2.46 -4.39
CA ASP C 84 4.56 -3.44 -4.88
C ASP C 84 3.88 -4.57 -5.66
N LEU C 85 4.69 -5.45 -6.25
CA LEU C 85 4.20 -6.63 -6.96
C LEU C 85 3.41 -7.50 -6.02
N ASP C 86 2.44 -8.23 -6.55
CA ASP C 86 1.73 -9.23 -5.77
C ASP C 86 2.50 -10.55 -5.70
N ASP C 87 3.31 -10.83 -6.71
CA ASP C 87 3.98 -12.12 -6.80
C ASP C 87 5.51 -12.00 -6.73
N ASP C 88 6.17 -13.14 -6.49
CA ASP C 88 7.62 -13.24 -6.49
C ASP C 88 8.24 -13.12 -7.88
N ILE C 89 9.49 -12.67 -7.96
CA ILE C 89 10.19 -12.67 -9.26
C ILE C 89 11.55 -13.34 -9.23
N LYS C 90 11.94 -13.85 -8.06
CA LYS C 90 13.19 -14.58 -7.96
C LYS C 90 13.24 -15.67 -9.01
N GLY C 91 14.32 -15.71 -9.79
CA GLY C 91 14.49 -16.75 -10.78
C GLY C 91 13.57 -16.63 -11.98
N LYS C 92 12.88 -15.51 -12.11
CA LYS C 92 11.96 -15.28 -13.25
C LYS C 92 12.59 -14.31 -14.27
N ASP C 93 12.11 -14.34 -15.51
CA ASP C 93 12.53 -13.37 -16.52
C ASP C 93 11.56 -12.22 -16.46
N VAL C 94 12.01 -11.06 -16.02
CA VAL C 94 11.12 -9.93 -15.81
C VAL C 94 11.17 -8.95 -16.98
N LEU C 95 10.01 -8.60 -17.53
CA LEU C 95 9.93 -7.53 -18.52
C LEU C 95 9.18 -6.35 -17.92
N LEU C 96 9.85 -5.22 -17.71
CA LEU C 96 9.18 -4.02 -17.23
C LEU C 96 8.49 -3.39 -18.44
N VAL C 97 7.24 -2.94 -18.27
CA VAL C 97 6.48 -2.40 -19.39
C VAL C 97 6.11 -0.97 -19.04
N GLU C 98 6.56 -0.03 -19.85
CA GLU C 98 6.27 1.38 -19.59
C GLU C 98 5.45 1.97 -20.71
N ASP C 99 4.61 2.94 -20.38
CA ASP C 99 3.97 3.74 -21.43
C ASP C 99 4.99 4.70 -22.12
N ILE C 100 5.76 5.41 -21.32
CA ILE C 100 6.73 6.35 -21.85
C ILE C 100 7.89 6.55 -20.90
N ILE C 101 9.09 6.57 -21.47
CA ILE C 101 10.28 6.75 -20.70
C ILE C 101 10.81 8.11 -21.11
N ASP C 102 11.03 8.97 -20.15
CA ASP C 102 11.54 10.30 -20.47
C ASP C 102 12.84 10.63 -19.76
N THR C 103 12.77 10.96 -18.47
CA THR C 103 13.99 11.25 -17.74
C THR C 103 14.70 9.94 -17.40
N GLY C 104 13.92 8.88 -17.23
CA GLY C 104 14.48 7.58 -16.87
C GLY C 104 14.71 7.37 -15.38
N ASN C 105 14.53 8.42 -14.58
CA ASN C 105 14.71 8.37 -13.13
C ASN C 105 13.94 7.24 -12.47
N THR C 106 12.62 7.29 -12.60
CA THR C 106 11.77 6.35 -11.89
C THR C 106 12.06 4.94 -12.32
N LEU C 107 12.16 4.75 -13.63
CA LEU C 107 12.40 3.41 -14.18
C LEU C 107 13.73 2.84 -13.67
N ASN C 108 14.75 3.69 -13.62
CA ASN C 108 16.05 3.24 -13.15
C ASN C 108 16.01 2.69 -11.72
N LYS C 109 15.29 3.40 -10.84
CA LYS C 109 15.19 2.96 -9.44
C LYS C 109 14.32 1.71 -9.34
N VAL C 110 13.28 1.64 -10.14
CA VAL C 110 12.42 0.44 -10.14
C VAL C 110 13.24 -0.78 -10.54
N LYS C 111 14.05 -0.62 -11.59
CA LYS C 111 14.89 -1.71 -12.03
C LYS C 111 15.84 -2.18 -10.92
N GLU C 112 16.50 -1.23 -10.27
CA GLU C 112 17.39 -1.52 -9.17
C GLU C 112 16.71 -2.20 -7.98
N ILE C 113 15.51 -1.76 -7.66
CA ILE C 113 14.75 -2.34 -6.55
C ILE C 113 14.41 -3.79 -6.91
N LEU C 114 13.96 -4.03 -8.13
CA LEU C 114 13.61 -5.40 -8.50
C LEU C 114 14.85 -6.27 -8.65
N ALA C 115 15.99 -5.67 -9.04
CA ALA C 115 17.22 -6.48 -9.20
C ALA C 115 17.60 -7.15 -7.89
N LEU C 116 17.26 -6.49 -6.77
CA LEU C 116 17.56 -7.04 -5.46
C LEU C 116 16.91 -8.39 -5.19
N ARG C 117 15.85 -8.69 -5.93
CA ARG C 117 15.08 -9.92 -5.72
C ARG C 117 15.61 -11.12 -6.49
N GLU C 118 16.70 -10.89 -7.23
CA GLU C 118 17.36 -11.96 -7.94
C GLU C 118 16.46 -12.62 -9.01
N PRO C 119 15.82 -11.79 -9.85
CA PRO C 119 15.18 -12.35 -11.04
C PRO C 119 16.27 -12.98 -11.94
N LYS C 120 15.87 -13.95 -12.75
CA LYS C 120 16.77 -14.49 -13.75
C LYS C 120 17.30 -13.38 -14.66
N SER C 121 16.45 -12.41 -15.03
CA SER C 121 16.87 -11.29 -15.90
C SER C 121 15.85 -10.17 -15.80
N ILE C 122 16.26 -8.93 -16.09
CA ILE C 122 15.35 -7.78 -16.10
C ILE C 122 15.58 -7.04 -17.40
N ARG C 123 14.49 -6.75 -18.12
CA ARG C 123 14.52 -5.93 -19.31
C ARG C 123 13.40 -4.90 -19.29
N ILE C 124 13.38 -4.07 -20.33
CA ILE C 124 12.45 -2.98 -20.35
C ILE C 124 11.93 -2.75 -21.75
N CYS C 125 10.61 -2.56 -21.83
N CYS C 125 10.63 -2.56 -21.83
CA CYS C 125 9.90 -2.22 -23.07
CA CYS C 125 10.03 -2.10 -23.06
C CYS C 125 8.93 -1.06 -22.84
C CYS C 125 9.16 -0.90 -22.72
N THR C 126 8.96 -0.05 -23.72
CA THR C 126 8.17 1.16 -23.56
C THR C 126 7.50 1.46 -24.88
N LEU C 127 6.26 1.94 -24.82
CA LEU C 127 5.55 2.30 -26.02
C LEU C 127 6.19 3.54 -26.67
N LEU C 128 6.49 4.56 -25.86
CA LEU C 128 7.12 5.79 -26.35
C LEU C 128 8.44 6.06 -25.61
N ASP C 129 9.39 6.65 -26.33
CA ASP C 129 10.67 7.04 -25.75
C ASP C 129 10.93 8.49 -26.15
N LYS C 130 11.20 9.33 -25.17
CA LYS C 130 11.59 10.70 -25.44
C LYS C 130 13.06 10.79 -25.05
N PRO C 131 13.96 10.39 -25.97
CA PRO C 131 15.35 10.29 -25.52
C PRO C 131 15.99 11.64 -25.20
N THR C 132 15.44 12.74 -25.72
CA THR C 132 16.00 14.07 -25.39
C THR C 132 15.72 14.48 -23.95
N ARG C 133 14.81 13.77 -23.27
CA ARG C 133 14.52 14.07 -21.87
C ARG C 133 15.38 13.28 -20.89
N ARG C 134 16.24 12.43 -21.41
CA ARG C 134 16.96 11.48 -20.57
C ARG C 134 17.92 12.21 -19.63
N GLU C 135 17.88 11.82 -18.35
CA GLU C 135 18.74 12.45 -17.33
C GLU C 135 19.58 11.39 -16.64
N VAL C 136 19.07 10.18 -16.62
CA VAL C 136 19.81 9.03 -16.15
C VAL C 136 19.61 8.03 -17.24
N ASP C 137 20.67 7.47 -17.76
CA ASP C 137 20.44 6.52 -18.83
C ASP C 137 20.12 5.18 -18.23
N VAL C 138 19.28 4.45 -18.92
CA VAL C 138 18.81 3.19 -18.45
C VAL C 138 18.66 2.40 -19.73
N GLU C 139 18.98 1.12 -19.69
CA GLU C 139 18.96 0.35 -20.91
C GLU C 139 17.51 0.02 -21.24
N VAL C 140 17.07 0.43 -22.43
CA VAL C 140 15.72 0.11 -22.89
C VAL C 140 15.85 -0.90 -24.01
N ASN C 141 15.35 -2.11 -23.79
CA ASN C 141 15.51 -3.15 -24.80
C ASN C 141 14.61 -2.94 -26.02
N TRP C 142 13.33 -2.65 -25.80
CA TRP C 142 12.37 -2.51 -26.91
C TRP C 142 11.59 -1.20 -26.78
N VAL C 143 11.51 -0.47 -27.90
CA VAL C 143 10.84 0.81 -27.94
C VAL C 143 9.84 0.82 -29.08
N GLY C 144 8.58 1.15 -28.80
CA GLY C 144 7.57 1.29 -29.85
C GLY C 144 7.94 2.43 -30.80
N PHE C 145 8.03 3.64 -30.25
CA PHE C 145 8.20 4.84 -31.06
C PHE C 145 9.06 5.83 -30.31
N GLU C 146 10.07 6.37 -30.98
CA GLU C 146 10.85 7.48 -30.44
C GLU C 146 10.18 8.77 -30.86
N ILE C 147 9.92 9.66 -29.92
CA ILE C 147 9.21 10.88 -30.20
C ILE C 147 9.88 12.09 -29.60
N PRO C 148 9.50 13.29 -30.05
CA PRO C 148 10.02 14.51 -29.45
C PRO C 148 9.27 14.86 -28.18
N ASP C 149 9.73 15.88 -27.47
CA ASP C 149 9.12 16.20 -26.20
C ASP C 149 7.85 17.02 -26.38
N GLU C 150 6.77 16.37 -26.82
CA GLU C 150 5.47 17.02 -26.98
C GLU C 150 4.54 16.56 -25.87
N PHE C 151 3.40 17.23 -25.73
CA PHE C 151 2.36 16.72 -24.84
C PHE C 151 1.61 15.62 -25.55
N VAL C 152 1.89 14.38 -25.19
CA VAL C 152 1.19 13.28 -25.83
C VAL C 152 0.17 12.71 -24.86
N VAL C 153 -0.85 12.08 -25.42
CA VAL C 153 -1.91 11.42 -24.68
C VAL C 153 -2.30 10.20 -25.46
N GLY C 154 -3.01 9.29 -24.81
CA GLY C 154 -3.69 8.21 -25.48
C GLY C 154 -3.01 6.91 -25.15
N VAL C 155 -3.67 5.80 -25.47
CA VAL C 155 -3.10 4.48 -25.20
C VAL C 155 -2.49 4.44 -23.79
N GLY C 156 -3.28 4.93 -22.83
CA GLY C 156 -2.92 4.80 -21.41
C GLY C 156 -2.36 6.07 -20.82
N ILE C 157 -1.88 6.96 -21.69
CA ILE C 157 -1.22 8.21 -21.27
C ILE C 157 -2.24 9.33 -21.07
N ASP C 158 -2.13 10.03 -19.93
CA ASP C 158 -3.08 11.09 -19.58
C ASP C 158 -2.55 12.50 -19.79
N TYR C 159 -3.48 13.44 -19.89
CA TYR C 159 -3.19 14.84 -19.68
C TYR C 159 -4.21 15.24 -18.60
N ALA C 160 -3.72 15.62 -17.42
CA ALA C 160 -4.59 15.97 -16.30
C ALA C 160 -5.60 14.85 -16.04
N GLN C 161 -5.14 13.62 -16.18
CA GLN C 161 -5.95 12.42 -15.90
C GLN C 161 -6.93 12.08 -17.01
N LYS C 162 -7.05 12.95 -18.01
CA LYS C 162 -7.91 12.69 -19.17
C LYS C 162 -7.18 11.99 -20.31
N TYR C 163 -7.99 11.44 -21.22
CA TYR C 163 -7.52 10.92 -22.50
C TYR C 163 -6.73 9.64 -22.49
N ARG C 164 -6.53 9.00 -21.33
CA ARG C 164 -5.90 7.65 -21.33
C ARG C 164 -6.62 6.70 -22.28
N HIS C 165 -7.92 6.92 -22.48
CA HIS C 165 -8.77 5.93 -23.18
C HIS C 165 -8.73 6.12 -24.73
N LEU C 166 -8.03 7.13 -25.25
CA LEU C 166 -7.95 7.30 -26.72
C LEU C 166 -7.18 6.12 -27.33
N PRO C 167 -7.64 5.63 -28.49
CA PRO C 167 -7.01 4.46 -29.11
C PRO C 167 -5.77 4.83 -29.91
N TYR C 168 -5.53 6.13 -30.06
CA TYR C 168 -4.41 6.65 -30.80
C TYR C 168 -3.46 7.42 -29.87
N ILE C 169 -2.22 7.64 -30.29
CA ILE C 169 -1.39 8.62 -29.57
C ILE C 169 -1.71 9.98 -30.14
N GLY C 170 -2.15 10.89 -29.28
CA GLY C 170 -2.58 12.19 -29.71
C GLY C 170 -1.60 13.24 -29.22
N LYS C 171 -1.74 14.43 -29.73
CA LYS C 171 -0.94 15.53 -29.24
C LYS C 171 -1.91 16.62 -28.83
N VAL C 172 -1.79 17.10 -27.60
CA VAL C 172 -2.66 18.17 -27.13
C VAL C 172 -2.16 19.51 -27.68
N VAL C 173 -3.01 20.19 -28.43
CA VAL C 173 -2.63 21.41 -29.11
C VAL C 173 -3.59 22.54 -28.72
N PRO C 174 -3.09 23.80 -28.64
CA PRO C 174 -4.02 24.94 -28.42
C PRO C 174 -4.93 25.22 -29.64
N LEU C 175 -6.22 25.48 -29.41
CA LEU C 175 -7.13 25.74 -30.55
C LEU C 175 -7.14 27.21 -30.98
N ALA C 176 -8.20 27.62 -31.68
CA ALA C 176 -8.33 28.96 -32.23
C ALA C 176 -7.47 30.00 -31.51
N LYS D 2 -1.91 -31.16 -15.68
CA LYS D 2 -1.97 -31.53 -17.13
C LYS D 2 -3.27 -31.02 -17.75
N HIS D 3 -3.15 -30.07 -18.69
CA HIS D 3 -4.33 -29.45 -19.26
C HIS D 3 -4.06 -28.84 -20.64
N THR D 4 -5.11 -28.51 -21.37
CA THR D 4 -5.05 -27.50 -22.42
C THR D 4 -6.12 -26.50 -22.17
N VAL D 5 -6.15 -25.53 -23.07
CA VAL D 5 -7.12 -24.47 -23.05
C VAL D 5 -7.86 -24.53 -24.38
N GLU D 6 -9.19 -24.51 -24.31
CA GLU D 6 -10.04 -24.50 -25.51
C GLU D 6 -10.60 -23.13 -25.70
N VAL D 7 -10.79 -22.71 -26.94
CA VAL D 7 -11.38 -21.39 -27.18
C VAL D 7 -12.85 -21.52 -26.82
N MET D 8 -13.33 -20.70 -25.90
CA MET D 8 -14.73 -20.77 -25.55
C MET D 8 -15.49 -19.58 -26.17
N ILE D 9 -14.88 -18.40 -26.13
CA ILE D 9 -15.42 -17.22 -26.80
C ILE D 9 -14.29 -16.52 -27.56
N SER D 10 -14.43 -16.40 -28.87
CA SER D 10 -13.34 -15.99 -29.72
C SER D 10 -12.95 -14.54 -29.52
N GLU D 11 -11.72 -14.23 -29.92
CA GLU D 11 -11.23 -12.86 -29.86
C GLU D 11 -12.23 -11.91 -30.55
N GLN D 12 -12.77 -12.32 -31.70
CA GLN D 12 -13.65 -11.43 -32.46
C GLN D 12 -14.99 -11.23 -31.80
N GLU D 13 -15.56 -12.29 -31.20
CA GLU D 13 -16.80 -12.17 -30.39
C GLU D 13 -16.62 -11.25 -29.17
N VAL D 14 -15.49 -11.43 -28.48
CA VAL D 14 -15.17 -10.54 -27.36
C VAL D 14 -15.08 -9.10 -27.88
N ALA D 15 -14.35 -8.86 -28.95
CA ALA D 15 -14.18 -7.49 -29.44
C ALA D 15 -15.52 -6.83 -29.77
N GLN D 16 -16.40 -7.57 -30.46
CA GLN D 16 -17.71 -7.02 -30.86
C GLN D 16 -18.58 -6.72 -29.65
N ARG D 17 -18.62 -7.64 -28.68
CA ARG D 17 -19.38 -7.42 -27.46
C ARG D 17 -18.86 -6.19 -26.70
N ILE D 18 -17.54 -6.04 -26.57
CA ILE D 18 -17.00 -4.90 -25.84
C ILE D 18 -17.37 -3.59 -26.54
N ARG D 19 -17.42 -3.62 -27.89
CA ARG D 19 -17.77 -2.40 -28.62
C ARG D 19 -19.24 -2.04 -28.33
N GLU D 20 -20.07 -3.08 -28.22
CA GLU D 20 -21.49 -2.86 -27.90
C GLU D 20 -21.66 -2.31 -26.50
N LEU D 21 -20.89 -2.85 -25.56
CA LEU D 21 -20.88 -2.31 -24.21
C LEU D 21 -20.41 -0.85 -24.17
N GLY D 22 -19.31 -0.52 -24.87
CA GLY D 22 -18.84 0.86 -24.87
C GLY D 22 -19.86 1.84 -25.44
N GLN D 23 -20.61 1.37 -26.44
CA GLN D 23 -21.69 2.16 -27.01
C GLN D 23 -22.81 2.43 -26.00
N GLN D 24 -23.27 1.38 -25.34
CA GLN D 24 -24.32 1.53 -24.32
C GLN D 24 -23.84 2.45 -23.20
N ILE D 25 -22.58 2.27 -22.81
CA ILE D 25 -22.05 3.07 -21.72
C ILE D 25 -21.94 4.53 -22.14
N THR D 26 -21.45 4.75 -23.35
CA THR D 26 -21.32 6.11 -23.90
C THR D 26 -22.67 6.81 -23.88
N GLU D 27 -23.68 6.11 -24.37
CA GLU D 27 -25.04 6.66 -24.42
C GLU D 27 -25.51 6.99 -23.01
N HIS D 28 -25.30 6.08 -22.06
CA HIS D 28 -25.84 6.26 -20.72
C HIS D 28 -25.23 7.49 -20.04
N TYR D 29 -23.92 7.67 -20.20
CA TYR D 29 -23.25 8.75 -19.48
C TYR D 29 -23.17 10.05 -20.26
N GLN D 30 -23.82 10.09 -21.42
CA GLN D 30 -23.81 11.27 -22.27
C GLN D 30 -24.09 12.54 -21.45
N GLY D 31 -23.30 13.57 -21.70
CA GLY D 31 -23.46 14.85 -21.00
C GLY D 31 -22.78 14.95 -19.65
N SER D 32 -22.27 13.84 -19.12
CA SER D 32 -21.55 13.88 -17.84
C SER D 32 -20.07 14.07 -18.12
N SER D 33 -19.43 15.00 -17.40
CA SER D 33 -17.97 15.16 -17.58
C SER D 33 -17.18 14.56 -16.44
N ASP D 34 -17.83 13.77 -15.58
CA ASP D 34 -17.15 13.22 -14.43
C ASP D 34 -17.17 11.69 -14.40
N LEU D 35 -17.07 11.08 -15.58
CA LEU D 35 -16.98 9.64 -15.62
C LEU D 35 -15.57 9.13 -15.16
N VAL D 36 -15.55 8.16 -14.27
CA VAL D 36 -14.29 7.50 -13.91
C VAL D 36 -14.50 6.00 -13.88
N LEU D 37 -13.69 5.28 -14.67
CA LEU D 37 -13.70 3.83 -14.65
C LEU D 37 -12.68 3.34 -13.64
N VAL D 38 -13.11 2.42 -12.80
CA VAL D 38 -12.29 1.90 -11.73
C VAL D 38 -12.21 0.41 -11.92
N GLY D 39 -11.01 -0.07 -12.26
CA GLY D 39 -10.80 -1.51 -12.35
C GLY D 39 -10.27 -2.13 -11.06
N LEU D 40 -10.58 -3.40 -10.86
CA LEU D 40 -10.02 -4.16 -9.75
C LEU D 40 -8.86 -4.99 -10.28
N LEU D 41 -7.66 -4.78 -9.73
CA LEU D 41 -6.47 -5.51 -10.19
C LEU D 41 -6.38 -6.92 -9.59
N ARG D 42 -5.70 -7.84 -10.27
CA ARG D 42 -5.08 -7.58 -11.57
C ARG D 42 -6.03 -7.86 -12.74
N GLY D 43 -7.10 -8.62 -12.48
CA GLY D 43 -7.95 -9.23 -13.52
C GLY D 43 -8.64 -8.31 -14.51
N SER D 44 -8.93 -7.09 -14.09
CA SER D 44 -9.74 -6.26 -14.95
C SER D 44 -8.95 -5.48 -16.01
N PHE D 45 -7.61 -5.50 -15.99
CA PHE D 45 -6.87 -4.50 -16.77
C PHE D 45 -7.05 -4.66 -18.29
N VAL D 46 -7.30 -5.89 -18.75
CA VAL D 46 -7.38 -6.09 -20.21
C VAL D 46 -8.74 -5.62 -20.72
N PHE D 47 -9.80 -6.10 -20.09
CA PHE D 47 -11.15 -5.65 -20.40
C PHE D 47 -11.22 -4.13 -20.23
N MET D 48 -10.63 -3.63 -19.18
CA MET D 48 -10.65 -2.17 -18.99
C MET D 48 -10.06 -1.42 -20.17
N ALA D 49 -8.90 -1.89 -20.63
CA ALA D 49 -8.16 -1.25 -21.70
C ALA D 49 -9.00 -1.21 -22.98
N ASP D 50 -9.64 -2.33 -23.30
CA ASP D 50 -10.43 -2.43 -24.53
C ASP D 50 -11.75 -1.68 -24.36
N LEU D 51 -12.35 -1.79 -23.18
CA LEU D 51 -13.62 -1.07 -22.93
C LEU D 51 -13.41 0.44 -22.98
N ALA D 52 -12.39 0.96 -22.29
CA ALA D 52 -12.19 2.42 -22.27
C ALA D 52 -12.07 2.99 -23.67
N ARG D 53 -11.39 2.25 -24.55
CA ARG D 53 -11.18 2.75 -25.91
C ARG D 53 -12.46 2.70 -26.79
N GLN D 54 -13.51 2.01 -26.31
CA GLN D 54 -14.79 1.97 -27.02
C GLN D 54 -15.80 2.92 -26.41
N ILE D 55 -15.37 3.64 -25.36
CA ILE D 55 -16.24 4.61 -24.72
C ILE D 55 -15.88 5.97 -25.27
N HIS D 56 -16.84 6.62 -25.94
CA HIS D 56 -16.52 7.83 -26.68
C HIS D 56 -16.92 9.08 -25.92
N LEU D 57 -16.48 9.15 -24.67
CA LEU D 57 -16.66 10.30 -23.79
C LEU D 57 -15.34 10.50 -23.08
N THR D 58 -15.04 11.75 -22.75
CA THR D 58 -13.85 12.05 -22.00
C THR D 58 -14.03 11.49 -20.61
N HIS D 59 -13.10 10.63 -20.16
CA HIS D 59 -13.22 10.09 -18.82
C HIS D 59 -11.88 9.83 -18.17
N GLN D 60 -11.91 9.51 -16.88
CA GLN D 60 -10.71 9.11 -16.14
C GLN D 60 -10.68 7.59 -15.91
N VAL D 61 -9.50 7.08 -15.55
CA VAL D 61 -9.30 5.64 -15.26
C VAL D 61 -8.49 5.48 -13.97
N ASP D 62 -8.86 4.53 -13.11
CA ASP D 62 -8.17 4.35 -11.86
C ASP D 62 -8.33 2.87 -11.53
N PHE D 63 -7.63 2.45 -10.46
CA PHE D 63 -7.55 1.04 -10.06
C PHE D 63 -7.49 0.89 -8.56
N MET D 64 -8.01 -0.23 -8.09
CA MET D 64 -7.92 -0.60 -6.70
C MET D 64 -7.50 -2.03 -6.71
N THR D 65 -6.82 -2.45 -5.67
CA THR D 65 -6.68 -3.86 -5.46
C THR D 65 -7.14 -4.20 -4.06
N ALA D 66 -8.10 -5.13 -4.03
CA ALA D 66 -8.72 -5.57 -2.80
C ALA D 66 -8.19 -6.95 -2.47
N SER D 67 -8.07 -7.28 -1.18
CA SER D 67 -7.48 -8.56 -0.80
C SER D 67 -8.13 -9.76 -1.49
N ARG D 77 -10.90 -13.45 5.15
CA ARG D 77 -12.31 -13.09 5.26
C ARG D 77 -12.61 -11.61 5.03
N ASP D 78 -12.09 -10.69 5.86
CA ASP D 78 -12.37 -9.26 5.61
C ASP D 78 -11.92 -8.90 4.22
N VAL D 79 -12.72 -8.10 3.53
CA VAL D 79 -12.25 -7.45 2.31
C VAL D 79 -11.40 -6.22 2.64
N ARG D 80 -10.09 -6.33 2.45
CA ARG D 80 -9.18 -5.21 2.72
C ARG D 80 -8.68 -4.53 1.45
N ILE D 81 -8.24 -3.28 1.56
CA ILE D 81 -7.75 -2.49 0.45
C ILE D 81 -6.23 -2.47 0.42
N LEU D 82 -5.65 -3.19 -0.53
CA LEU D 82 -4.20 -3.28 -0.64
C LEU D 82 -3.63 -2.12 -1.43
N LYS D 83 -4.42 -1.61 -2.39
CA LYS D 83 -4.07 -0.38 -3.10
C LYS D 83 -5.36 0.32 -3.34
N ASP D 84 -5.47 1.56 -2.85
CA ASP D 84 -6.67 2.36 -3.03
C ASP D 84 -6.53 3.15 -4.35
N LEU D 85 -7.62 3.78 -4.74
CA LEU D 85 -7.62 4.78 -5.81
C LEU D 85 -6.55 5.86 -5.52
N ASP D 86 -6.00 6.45 -6.59
CA ASP D 86 -5.09 7.60 -6.45
C ASP D 86 -5.83 8.91 -6.37
N ASP D 87 -7.01 9.00 -7.01
CA ASP D 87 -7.77 10.27 -7.12
C ASP D 87 -9.15 10.23 -6.45
N ASP D 88 -9.69 11.43 -6.19
CA ASP D 88 -11.01 11.61 -5.54
C ASP D 88 -12.19 11.13 -6.39
N ILE D 89 -13.25 10.63 -5.77
CA ILE D 89 -14.44 10.27 -6.56
C ILE D 89 -15.69 11.01 -6.10
N LYS D 90 -15.57 11.82 -5.06
CA LYS D 90 -16.70 12.61 -4.61
C LYS D 90 -17.42 13.35 -5.76
N GLY D 91 -18.73 13.21 -5.86
CA GLY D 91 -19.48 13.89 -6.91
C GLY D 91 -19.28 13.35 -8.33
N LYS D 92 -18.60 12.20 -8.48
CA LYS D 92 -18.35 11.62 -9.81
C LYS D 92 -19.21 10.40 -10.13
N ASP D 93 -19.32 10.13 -11.42
CA ASP D 93 -19.97 8.92 -11.90
C ASP D 93 -18.91 7.85 -12.02
N VAL D 94 -19.00 6.84 -11.15
CA VAL D 94 -18.02 5.77 -11.09
C VAL D 94 -18.51 4.48 -11.73
N LEU D 95 -17.67 3.88 -12.58
CA LEU D 95 -18.01 2.62 -13.20
C LEU D 95 -16.99 1.61 -12.79
N LEU D 96 -17.38 0.69 -11.92
CA LEU D 96 -16.49 -0.37 -11.50
C LEU D 96 -16.37 -1.33 -12.66
N VAL D 97 -15.13 -1.73 -13.01
CA VAL D 97 -14.87 -2.59 -14.15
C VAL D 97 -14.24 -3.92 -13.73
N GLU D 98 -14.87 -5.03 -14.10
CA GLU D 98 -14.51 -6.34 -13.60
C GLU D 98 -14.30 -7.31 -14.76
N ASP D 99 -13.30 -8.19 -14.66
CA ASP D 99 -13.16 -9.24 -15.67
C ASP D 99 -14.30 -10.25 -15.51
N ILE D 100 -14.46 -10.77 -14.30
CA ILE D 100 -15.53 -11.74 -14.04
C ILE D 100 -16.24 -11.45 -12.71
N ILE D 101 -17.53 -11.76 -12.64
CA ILE D 101 -18.24 -11.70 -11.37
C ILE D 101 -18.86 -13.06 -11.08
N ASP D 102 -18.48 -13.63 -9.95
CA ASP D 102 -18.97 -14.94 -9.54
C ASP D 102 -19.75 -14.89 -8.22
N THR D 103 -19.04 -14.88 -7.08
CA THR D 103 -19.73 -14.84 -5.78
C THR D 103 -20.20 -13.43 -5.43
N GLY D 104 -19.50 -12.43 -5.96
CA GLY D 104 -19.86 -11.04 -5.73
C GLY D 104 -19.30 -10.43 -4.45
N ASN D 105 -18.74 -11.27 -3.57
CA ASN D 105 -18.33 -10.85 -2.21
C ASN D 105 -17.36 -9.69 -2.19
N THR D 106 -16.27 -9.80 -2.96
CA THR D 106 -15.28 -8.70 -3.03
C THR D 106 -15.81 -7.42 -3.64
N LEU D 107 -16.48 -7.56 -4.78
CA LEU D 107 -17.09 -6.42 -5.48
C LEU D 107 -18.14 -5.71 -4.62
N ASN D 108 -18.97 -6.48 -3.92
CA ASN D 108 -19.95 -5.88 -3.04
C ASN D 108 -19.31 -4.94 -2.00
N LYS D 109 -18.21 -5.39 -1.39
CA LYS D 109 -17.56 -4.62 -0.33
C LYS D 109 -16.84 -3.39 -0.89
N VAL D 110 -16.25 -3.56 -2.08
CA VAL D 110 -15.57 -2.47 -2.74
C VAL D 110 -16.56 -1.35 -3.03
N LYS D 111 -17.72 -1.72 -3.55
CA LYS D 111 -18.81 -0.77 -3.79
C LYS D 111 -19.22 -0.03 -2.52
N GLU D 112 -19.41 -0.76 -1.43
CA GLU D 112 -19.75 -0.17 -0.16
C GLU D 112 -18.69 0.81 0.32
N ILE D 113 -17.42 0.42 0.16
CA ILE D 113 -16.31 1.26 0.56
C ILE D 113 -16.33 2.58 -0.22
N LEU D 114 -16.47 2.48 -1.55
CA LEU D 114 -16.48 3.67 -2.42
C LEU D 114 -17.72 4.54 -2.22
N ALA D 115 -18.87 3.90 -1.96
CA ALA D 115 -20.09 4.67 -1.64
C ALA D 115 -19.87 5.69 -0.49
N LEU D 116 -19.03 5.33 0.48
CA LEU D 116 -18.78 6.26 1.59
C LEU D 116 -18.17 7.59 1.13
N ARG D 117 -17.62 7.61 -0.07
CA ARG D 117 -16.95 8.81 -0.57
C ARG D 117 -17.90 9.75 -1.29
N GLU D 118 -19.17 9.34 -1.40
CA GLU D 118 -20.22 10.17 -2.00
C GLU D 118 -20.03 10.48 -3.48
N PRO D 119 -19.74 9.44 -4.28
CA PRO D 119 -19.78 9.66 -5.71
C PRO D 119 -21.23 10.00 -6.07
N LYS D 120 -21.44 10.61 -7.22
CA LYS D 120 -22.78 10.87 -7.71
C LYS D 120 -23.50 9.57 -8.05
N SER D 121 -22.75 8.57 -8.52
CA SER D 121 -23.32 7.27 -8.85
C SER D 121 -22.22 6.23 -8.90
N ILE D 122 -22.59 4.97 -8.71
CA ILE D 122 -21.68 3.88 -8.90
C ILE D 122 -22.41 2.81 -9.66
N ARG D 123 -21.82 2.34 -10.75
CA ARG D 123 -22.36 1.23 -11.52
C ARG D 123 -21.28 0.20 -11.74
N ILE D 124 -21.69 -0.99 -12.17
CA ILE D 124 -20.78 -2.09 -12.38
C ILE D 124 -20.93 -2.70 -13.77
N CYS D 125 -19.80 -2.96 -14.40
N CYS D 125 -19.81 -3.01 -14.41
CA CYS D 125 -19.74 -3.65 -15.69
CA CYS D 125 -19.81 -3.65 -15.72
C CYS D 125 -18.82 -4.83 -15.51
C CYS D 125 -18.75 -4.74 -15.74
N THR D 126 -19.15 -5.94 -16.16
CA THR D 126 -18.24 -7.08 -16.16
C THR D 126 -18.20 -7.70 -17.53
N LEU D 127 -17.04 -8.22 -17.90
CA LEU D 127 -16.93 -8.92 -19.17
C LEU D 127 -17.64 -10.27 -19.06
N LEU D 128 -17.39 -10.97 -17.96
CA LEU D 128 -18.06 -12.27 -17.71
C LEU D 128 -18.89 -12.22 -16.42
N ASP D 129 -20.03 -12.90 -16.42
CA ASP D 129 -20.89 -12.99 -15.26
C ASP D 129 -21.27 -14.45 -15.05
N LYS D 130 -21.05 -14.94 -13.84
CA LYS D 130 -21.48 -16.27 -13.45
C LYS D 130 -22.62 -16.20 -12.42
N PRO D 131 -23.84 -15.98 -12.88
CA PRO D 131 -24.95 -15.73 -11.95
C PRO D 131 -25.25 -16.85 -10.97
N THR D 132 -25.00 -18.11 -11.34
CA THR D 132 -25.37 -19.22 -10.45
C THR D 132 -24.36 -19.38 -9.33
N ARG D 133 -23.37 -18.52 -9.35
CA ARG D 133 -22.28 -18.55 -8.40
C ARG D 133 -22.45 -17.45 -7.34
N ARG D 134 -23.49 -16.64 -7.51
CA ARG D 134 -23.74 -15.45 -6.71
C ARG D 134 -23.98 -15.85 -5.26
N GLU D 135 -23.31 -15.16 -4.34
CA GLU D 135 -23.45 -15.42 -2.90
C GLU D 135 -23.95 -14.18 -2.16
N VAL D 136 -23.73 -13.01 -2.75
CA VAL D 136 -24.21 -11.75 -2.22
C VAL D 136 -24.91 -11.06 -3.39
N ASP D 137 -26.00 -10.37 -3.12
CA ASP D 137 -26.65 -9.63 -4.19
C ASP D 137 -25.93 -8.32 -4.44
N VAL D 138 -25.57 -8.09 -5.69
CA VAL D 138 -24.98 -6.84 -6.07
C VAL D 138 -25.55 -6.49 -7.44
N GLU D 139 -25.87 -5.23 -7.67
CA GLU D 139 -26.45 -4.82 -8.95
C GLU D 139 -25.37 -4.73 -10.06
N VAL D 140 -25.47 -5.58 -11.09
CA VAL D 140 -24.58 -5.52 -12.23
C VAL D 140 -25.29 -4.90 -13.46
N ASN D 141 -24.81 -3.74 -13.87
CA ASN D 141 -25.47 -2.93 -14.89
C ASN D 141 -25.19 -3.36 -16.32
N TRP D 142 -23.93 -3.65 -16.64
CA TRP D 142 -23.60 -4.14 -17.97
C TRP D 142 -22.79 -5.43 -17.90
N VAL D 143 -23.18 -6.40 -18.71
CA VAL D 143 -22.58 -7.72 -18.73
C VAL D 143 -22.22 -8.09 -20.16
N GLY D 144 -20.97 -8.46 -20.40
CA GLY D 144 -20.56 -8.87 -21.75
C GLY D 144 -21.12 -10.23 -22.09
N PHE D 145 -20.81 -11.23 -21.27
CA PHE D 145 -21.28 -12.60 -21.52
C PHE D 145 -21.65 -13.28 -20.20
N GLU D 146 -22.87 -13.81 -20.16
CA GLU D 146 -23.30 -14.61 -19.03
C GLU D 146 -22.93 -16.05 -19.38
N ILE D 147 -22.21 -16.71 -18.48
CA ILE D 147 -21.67 -18.06 -18.73
C ILE D 147 -22.01 -19.00 -17.59
N PRO D 148 -22.00 -20.32 -17.88
CA PRO D 148 -22.06 -21.34 -16.81
C PRO D 148 -20.75 -21.35 -16.02
N ASP D 149 -20.69 -22.16 -14.96
CA ASP D 149 -19.53 -22.17 -14.08
C ASP D 149 -18.34 -22.95 -14.65
N GLU D 150 -17.84 -22.52 -15.81
CA GLU D 150 -16.72 -23.18 -16.45
C GLU D 150 -15.40 -22.67 -15.89
N PHE D 151 -14.35 -23.47 -16.10
CA PHE D 151 -12.99 -23.13 -15.72
C PHE D 151 -12.39 -22.15 -16.76
N VAL D 152 -12.52 -20.84 -16.53
CA VAL D 152 -12.18 -19.88 -17.60
C VAL D 152 -10.90 -19.07 -17.41
N VAL D 153 -10.30 -18.69 -18.54
CA VAL D 153 -9.09 -17.88 -18.61
C VAL D 153 -9.10 -16.92 -19.81
N GLY D 154 -8.18 -15.95 -19.79
CA GLY D 154 -8.00 -15.07 -20.94
C GLY D 154 -8.61 -13.70 -20.71
N VAL D 155 -8.20 -12.75 -21.56
CA VAL D 155 -8.64 -11.37 -21.46
C VAL D 155 -8.59 -10.92 -20.00
N GLY D 156 -7.43 -11.16 -19.36
CA GLY D 156 -7.16 -10.70 -18.00
C GLY D 156 -7.29 -11.76 -16.93
N ILE D 157 -8.05 -12.82 -17.23
CA ILE D 157 -8.38 -13.89 -16.27
C ILE D 157 -7.31 -14.96 -16.27
N ASP D 158 -6.86 -15.37 -15.07
CA ASP D 158 -5.75 -16.34 -14.94
C ASP D 158 -6.18 -17.74 -14.48
N TYR D 159 -5.29 -18.69 -14.72
CA TYR D 159 -5.26 -19.94 -13.98
C TYR D 159 -3.84 -20.13 -13.47
N ALA D 160 -3.68 -20.22 -12.15
CA ALA D 160 -2.36 -20.26 -11.54
C ALA D 160 -1.47 -19.10 -12.04
N GLN D 161 -2.07 -17.94 -12.24
CA GLN D 161 -1.34 -16.73 -12.67
C GLN D 161 -1.01 -16.72 -14.17
N LYS D 162 -1.27 -17.82 -14.85
CA LYS D 162 -1.04 -17.88 -16.30
C LYS D 162 -2.30 -17.58 -17.16
N TYR D 163 -2.08 -17.25 -18.43
CA TYR D 163 -3.14 -17.10 -19.44
C TYR D 163 -3.93 -15.79 -19.44
N ARG D 164 -3.55 -14.83 -18.60
CA ARG D 164 -4.23 -13.53 -18.64
C ARG D 164 -4.05 -12.86 -20.01
N HIS D 165 -3.00 -13.28 -20.72
CA HIS D 165 -2.58 -12.70 -22.00
C HIS D 165 -3.28 -13.32 -23.23
N LEU D 166 -4.13 -14.33 -23.00
CA LEU D 166 -4.83 -14.93 -24.15
C LEU D 166 -5.85 -13.91 -24.67
N PRO D 167 -5.97 -13.75 -25.99
CA PRO D 167 -6.92 -12.78 -26.57
C PRO D 167 -8.39 -13.26 -26.67
N TYR D 168 -8.63 -14.52 -26.34
CA TYR D 168 -9.97 -15.03 -26.31
C TYR D 168 -10.31 -15.52 -24.90
N ILE D 169 -11.59 -15.72 -24.61
CA ILE D 169 -11.93 -16.40 -23.37
C ILE D 169 -11.73 -17.88 -23.66
N GLY D 170 -10.91 -18.51 -22.83
CA GLY D 170 -10.58 -19.90 -22.97
C GLY D 170 -11.15 -20.72 -21.83
N LYS D 171 -11.35 -22.00 -22.08
CA LYS D 171 -11.77 -22.96 -21.07
C LYS D 171 -10.58 -23.88 -20.77
N VAL D 172 -10.17 -23.94 -19.50
CA VAL D 172 -9.13 -24.88 -19.08
C VAL D 172 -9.74 -26.27 -18.98
N VAL D 173 -9.17 -27.20 -19.72
CA VAL D 173 -9.73 -28.54 -19.87
C VAL D 173 -8.68 -29.48 -19.34
N PRO D 174 -8.91 -30.02 -18.12
CA PRO D 174 -8.02 -31.01 -17.50
C PRO D 174 -7.83 -32.24 -18.40
N LEU D 175 -6.58 -32.65 -18.57
CA LEU D 175 -6.23 -33.80 -19.37
C LEU D 175 -5.70 -34.90 -18.47
N ALA D 176 -5.23 -34.51 -17.27
CA ALA D 176 -4.63 -35.45 -16.30
C ALA D 176 -5.43 -36.73 -16.12
#